data_1BD0
#
_entry.id   1BD0
#
_cell.length_a   98.227
_cell.length_b   87.690
_cell.length_c   85.305
_cell.angle_alpha   90.00
_cell.angle_beta   90.00
_cell.angle_gamma   90.00
#
_symmetry.space_group_name_H-M   'P 21 21 21'
#
loop_
_entity.id
_entity.type
_entity.pdbx_description
1 polymer 'ALANINE RACEMASE'
2 non-polymer '{1-[(3-HYDROXY-METHYL-5-PHOSPHONOOXY-METHYL-PYRIDIN-4-YLMETHYL)-AMINO]-ETHYL}-PHOSPHONIC ACID'
3 water water
#
_entity_poly.entity_id   1
_entity_poly.type   'polypeptide(L)'
_entity_poly.pdbx_seq_one_letter_code
;MNDFHRDTWAEVDLDAIYDNVENLRRLLPDDTHIMAVVKANAYGHGDVQVARTALEAGASRLAVAFLDEALALREKGIEA
PILVLGASRPADAALAAQQRIALTVFRSDWLEEASALYSGPFPIHFHLKMDTGMGRLGVKDEEETKRIVALIERHPHFVL
EGLYTHFATADEVNTDYFSYQYTRFLHMLEWLPSRPPLVHCANSAASLRFPDRTFNMVRFGIAMYGLAPSPGIKPLLPYP
LKEAFSLHSRLVHVKKLQPGEKVSYGATYTAQTEEWIGTIPIGYADGWLRRLQHFHVLVDGQKAPIVGRICMDQCMIRLP
GPLPVGTKVTLIGRQGDEVISIDDVARHLETINYEVPCTISYRVPRIFFRHKRIMEVRNAIGAGESSA
;
_entity_poly.pdbx_strand_id   A,B
#
loop_
_chem_comp.id
_chem_comp.type
_chem_comp.name
_chem_comp.formula
IN5 non-polymer '{1-[(3-HYDROXY-METHYL-5-PHOSPHONOOXY-METHYL-PYRIDIN-4-YLMETHYL)-AMINO]-ETHYL}-PHOSPHONIC ACID' 'C10 H18 N2 O8 P2'
#
# COMPACT_ATOMS: atom_id res chain seq x y z
N ASN A 2 0.52 -6.41 20.65
CA ASN A 2 0.54 -5.09 19.98
C ASN A 2 -0.77 -4.34 20.15
N ASP A 3 -0.69 -3.01 20.12
CA ASP A 3 -1.86 -2.16 20.29
C ASP A 3 -2.06 -1.26 19.09
N PHE A 4 -3.29 -0.83 18.87
CA PHE A 4 -3.61 0.09 17.79
C PHE A 4 -4.68 1.02 18.34
N HIS A 5 -4.70 2.26 17.87
CA HIS A 5 -5.63 3.23 18.40
C HIS A 5 -6.60 3.88 17.44
N ARG A 6 -6.97 3.14 16.41
CA ARG A 6 -7.95 3.60 15.43
C ARG A 6 -8.83 2.39 15.24
N ASP A 7 -10.13 2.61 15.12
CA ASP A 7 -11.08 1.51 14.96
C ASP A 7 -11.20 0.97 13.54
N THR A 8 -10.07 0.54 12.98
CA THR A 8 -10.03 -0.04 11.65
C THR A 8 -8.95 -1.09 11.74
N TRP A 9 -9.27 -2.31 11.30
CA TRP A 9 -8.33 -3.41 11.38
C TRP A 9 -8.69 -4.54 10.43
N ALA A 10 -7.71 -5.39 10.16
CA ALA A 10 -7.89 -6.56 9.31
C ALA A 10 -7.69 -7.78 10.21
N GLU A 11 -8.35 -8.89 9.87
CA GLU A 11 -8.19 -10.10 10.64
C GLU A 11 -7.70 -11.24 9.74
N VAL A 12 -6.76 -12.02 10.26
CA VAL A 12 -6.22 -13.16 9.52
C VAL A 12 -6.54 -14.45 10.28
N ASP A 13 -7.34 -15.31 9.68
CA ASP A 13 -7.69 -16.58 10.32
C ASP A 13 -6.61 -17.61 10.00
N LEU A 14 -5.71 -17.82 10.94
CA LEU A 14 -4.62 -18.77 10.73
C LEU A 14 -5.13 -20.21 10.65
N ASP A 15 -6.33 -20.46 11.16
CA ASP A 15 -6.91 -21.80 11.11
C ASP A 15 -7.28 -22.09 9.66
N ALA A 16 -7.76 -21.08 8.94
CA ALA A 16 -8.14 -21.22 7.54
C ALA A 16 -6.87 -21.55 6.73
N ILE A 17 -5.80 -20.81 7.01
CA ILE A 17 -4.52 -21.02 6.34
C ILE A 17 -4.02 -22.44 6.60
N TYR A 18 -4.08 -22.88 7.85
CA TYR A 18 -3.63 -24.24 8.20
C TYR A 18 -4.35 -25.30 7.37
N ASP A 19 -5.67 -25.21 7.36
CA ASP A 19 -6.51 -26.16 6.64
C ASP A 19 -6.21 -26.17 5.13
N ASN A 20 -6.13 -25.00 4.51
CA ASN A 20 -5.85 -24.91 3.08
C ASN A 20 -4.53 -25.63 2.73
N VAL A 21 -3.52 -25.50 3.59
CA VAL A 21 -2.23 -26.15 3.35
C VAL A 21 -2.26 -27.64 3.70
N GLU A 22 -2.98 -28.01 4.75
CA GLU A 22 -3.04 -29.41 5.14
C GLU A 22 -3.84 -30.19 4.09
N ASN A 23 -4.87 -29.57 3.54
CA ASN A 23 -5.67 -30.24 2.53
C ASN A 23 -4.79 -30.54 1.31
N LEU A 24 -3.82 -29.67 1.04
CA LEU A 24 -2.92 -29.85 -0.10
C LEU A 24 -1.90 -30.94 0.16
N ARG A 25 -1.39 -31.00 1.39
CA ARG A 25 -0.41 -32.01 1.75
C ARG A 25 -1.05 -33.38 1.52
N ARG A 26 -2.34 -33.47 1.83
CA ARG A 26 -3.08 -34.72 1.66
C ARG A 26 -3.18 -35.04 0.16
N LEU A 27 -3.57 -34.03 -0.61
CA LEU A 27 -3.75 -34.16 -2.06
C LEU A 27 -2.51 -34.60 -2.85
N LEU A 28 -1.37 -33.96 -2.60
CA LEU A 28 -0.13 -34.26 -3.30
C LEU A 28 0.55 -35.57 -2.92
N PRO A 29 1.26 -36.19 -3.87
CA PRO A 29 1.97 -37.45 -3.61
C PRO A 29 3.04 -37.21 -2.55
N ASP A 30 3.31 -38.22 -1.73
CA ASP A 30 4.29 -38.11 -0.65
C ASP A 30 5.68 -37.67 -1.08
N ASP A 31 6.00 -37.87 -2.35
CA ASP A 31 7.32 -37.50 -2.85
C ASP A 31 7.41 -36.04 -3.25
N THR A 32 6.28 -35.35 -3.25
CA THR A 32 6.24 -33.94 -3.63
C THR A 32 6.23 -33.00 -2.43
N HIS A 33 7.26 -32.15 -2.36
CA HIS A 33 7.37 -31.17 -1.28
C HIS A 33 6.46 -30.00 -1.52
N ILE A 34 6.20 -29.22 -0.47
CA ILE A 34 5.37 -28.05 -0.59
C ILE A 34 6.17 -26.82 -0.16
N MET A 35 6.22 -25.83 -1.06
CA MET A 35 6.92 -24.59 -0.77
C MET A 35 5.85 -23.49 -0.69
N ALA A 36 5.66 -22.94 0.50
CA ALA A 36 4.66 -21.89 0.68
C ALA A 36 5.19 -20.56 0.18
N VAL A 37 4.39 -19.89 -0.64
CA VAL A 37 4.77 -18.60 -1.22
C VAL A 37 4.29 -17.49 -0.30
N VAL A 38 5.23 -16.85 0.39
CA VAL A 38 4.86 -15.78 1.31
C VAL A 38 5.41 -14.40 0.97
N LYS A 39 5.66 -14.16 -0.31
CA LYS A 39 6.17 -12.86 -0.75
C LYS A 39 5.11 -11.79 -0.49
N ALA A 40 5.51 -10.53 -0.55
CA ALA A 40 4.63 -9.39 -0.32
C ALA A 40 3.96 -9.50 1.04
N ASN A 41 4.74 -9.83 2.07
CA ASN A 41 4.19 -9.98 3.42
C ASN A 41 3.06 -11.01 3.42
N ALA A 42 3.30 -12.17 2.80
CA ALA A 42 2.30 -13.23 2.70
C ALA A 42 1.03 -12.68 2.04
N TYR A 43 1.20 -12.05 0.88
CA TYR A 43 0.10 -11.44 0.14
C TYR A 43 -0.73 -10.56 1.06
N GLY A 44 -0.06 -9.77 1.90
CA GLY A 44 -0.76 -8.89 2.80
C GLY A 44 -1.32 -9.55 4.05
N HIS A 45 -1.06 -10.85 4.22
CA HIS A 45 -1.56 -11.60 5.37
C HIS A 45 -0.62 -11.67 6.58
N GLY A 46 0.65 -11.29 6.38
CA GLY A 46 1.62 -11.34 7.46
C GLY A 46 2.63 -12.45 7.20
N ASP A 47 3.83 -12.07 6.76
CA ASP A 47 4.86 -13.06 6.42
C ASP A 47 5.21 -14.14 7.44
N VAL A 48 5.68 -13.75 8.63
CA VAL A 48 6.07 -14.72 9.65
C VAL A 48 4.92 -15.56 10.21
N GLN A 49 3.75 -14.95 10.38
CA GLN A 49 2.58 -15.65 10.89
C GLN A 49 2.13 -16.75 9.94
N VAL A 50 1.96 -16.41 8.67
CA VAL A 50 1.53 -17.39 7.66
C VAL A 50 2.61 -18.45 7.43
N ALA A 51 3.87 -18.03 7.40
CA ALA A 51 4.96 -18.99 7.19
C ALA A 51 4.96 -20.04 8.31
N ARG A 52 4.85 -19.58 9.55
CA ARG A 52 4.83 -20.48 10.70
C ARG A 52 3.71 -21.52 10.57
N THR A 53 2.50 -21.04 10.30
CA THR A 53 1.33 -21.91 10.16
C THR A 53 1.45 -22.90 8.99
N ALA A 54 1.93 -22.40 7.85
CA ALA A 54 2.09 -23.25 6.67
C ALA A 54 3.08 -24.37 6.93
N LEU A 55 4.20 -24.05 7.57
CA LEU A 55 5.21 -25.06 7.87
C LEU A 55 4.68 -26.10 8.84
N GLU A 56 3.81 -25.70 9.76
CA GLU A 56 3.25 -26.65 10.71
C GLU A 56 2.10 -27.44 10.07
N ALA A 57 1.59 -26.95 8.94
CA ALA A 57 0.50 -27.60 8.23
C ALA A 57 1.01 -28.59 7.18
N GLY A 58 2.32 -28.63 6.96
CA GLY A 58 2.86 -29.55 5.97
C GLY A 58 3.84 -29.00 4.95
N ALA A 59 4.04 -27.68 4.94
CA ALA A 59 4.99 -27.06 4.01
C ALA A 59 6.36 -27.23 4.65
N SER A 60 7.40 -27.31 3.82
CA SER A 60 8.76 -27.48 4.34
C SER A 60 9.74 -26.40 3.89
N ARG A 61 9.31 -25.58 2.93
CA ARG A 61 10.16 -24.50 2.45
C ARG A 61 9.27 -23.30 2.17
N LEU A 62 9.91 -22.15 1.97
CA LEU A 62 9.20 -20.92 1.67
C LEU A 62 9.81 -20.21 0.48
N ALA A 63 9.05 -19.28 -0.10
CA ALA A 63 9.49 -18.50 -1.25
C ALA A 63 9.08 -17.03 -1.08
N VAL A 64 9.97 -16.12 -1.48
CA VAL A 64 9.72 -14.69 -1.41
C VAL A 64 10.08 -14.08 -2.77
N ALA A 65 9.78 -12.80 -2.97
CA ALA A 65 10.06 -12.13 -4.25
C ALA A 65 11.51 -11.64 -4.39
N PHE A 66 12.06 -11.04 -3.34
CA PHE A 66 13.42 -10.54 -3.40
C PHE A 66 14.16 -10.73 -2.07
N LEU A 67 15.48 -10.54 -2.09
CA LEU A 67 16.32 -10.74 -0.89
C LEU A 67 15.91 -10.09 0.43
N ASP A 68 15.46 -8.84 0.42
CA ASP A 68 15.06 -8.19 1.66
C ASP A 68 13.96 -8.97 2.39
N GLU A 69 13.02 -9.53 1.62
CA GLU A 69 11.91 -10.27 2.22
C GLU A 69 12.39 -11.54 2.90
N ALA A 70 13.41 -12.18 2.34
CA ALA A 70 13.98 -13.41 2.89
C ALA A 70 14.75 -13.08 4.18
N LEU A 71 15.50 -11.98 4.16
CA LEU A 71 16.27 -11.57 5.33
C LEU A 71 15.34 -11.23 6.50
N ALA A 72 14.21 -10.60 6.19
CA ALA A 72 13.24 -10.23 7.22
C ALA A 72 12.67 -11.49 7.90
N LEU A 73 12.45 -12.54 7.12
CA LEU A 73 11.93 -13.79 7.68
C LEU A 73 12.96 -14.39 8.63
N ARG A 74 14.21 -14.42 8.20
CA ARG A 74 15.27 -14.97 9.04
C ARG A 74 15.35 -14.14 10.33
N GLU A 75 15.20 -12.82 10.18
CA GLU A 75 15.23 -11.87 11.29
C GLU A 75 14.19 -12.23 12.34
N LYS A 76 12.98 -12.50 11.86
CA LYS A 76 11.85 -12.86 12.70
C LYS A 76 11.91 -14.31 13.19
N GLY A 77 13.05 -14.96 12.99
CA GLY A 77 13.22 -16.32 13.47
C GLY A 77 12.93 -17.53 12.60
N ILE A 78 12.56 -17.34 11.34
CA ILE A 78 12.29 -18.49 10.49
C ILE A 78 13.60 -19.20 10.16
N GLU A 79 13.59 -20.53 10.26
CA GLU A 79 14.78 -21.34 10.00
C GLU A 79 14.71 -22.22 8.75
N ALA A 80 13.51 -22.43 8.24
CA ALA A 80 13.29 -23.26 7.06
C ALA A 80 13.90 -22.66 5.80
N PRO A 81 14.15 -23.50 4.79
CA PRO A 81 14.74 -23.04 3.52
C PRO A 81 13.85 -21.99 2.85
N ILE A 82 14.48 -20.98 2.28
CA ILE A 82 13.78 -19.91 1.59
C ILE A 82 14.39 -19.68 0.22
N LEU A 83 13.54 -19.56 -0.79
CA LEU A 83 14.00 -19.29 -2.15
C LEU A 83 13.50 -17.92 -2.62
N VAL A 84 14.40 -17.13 -3.18
CA VAL A 84 14.05 -15.81 -3.70
C VAL A 84 13.65 -16.12 -5.13
N LEU A 85 12.40 -15.85 -5.47
CA LEU A 85 11.89 -16.15 -6.82
C LEU A 85 12.36 -15.18 -7.90
N GLY A 86 12.66 -13.95 -7.52
CA GLY A 86 13.11 -12.97 -8.49
C GLY A 86 14.61 -12.74 -8.56
N ALA A 87 14.97 -11.60 -9.15
CA ALA A 87 16.36 -11.20 -9.34
C ALA A 87 17.03 -10.73 -8.05
N SER A 88 18.35 -10.78 -8.04
CA SER A 88 19.15 -10.34 -6.91
C SER A 88 20.47 -9.80 -7.44
N ARG A 89 21.26 -9.16 -6.57
CA ARG A 89 22.55 -8.63 -6.99
C ARG A 89 23.66 -9.65 -6.81
N PRO A 90 24.52 -9.80 -7.84
CA PRO A 90 25.63 -10.75 -7.74
C PRO A 90 26.48 -10.46 -6.49
N ALA A 91 26.57 -9.17 -6.16
CA ALA A 91 27.35 -8.71 -5.02
C ALA A 91 26.77 -9.20 -3.70
N ASP A 92 25.47 -9.44 -3.67
CA ASP A 92 24.80 -9.91 -2.45
C ASP A 92 24.83 -11.42 -2.30
N ALA A 93 25.56 -12.12 -3.15
CA ALA A 93 25.61 -13.57 -3.09
C ALA A 93 26.10 -14.15 -1.75
N ALA A 94 27.11 -13.51 -1.17
CA ALA A 94 27.67 -13.97 0.11
C ALA A 94 26.71 -13.78 1.26
N LEU A 95 25.95 -12.69 1.21
CA LEU A 95 24.97 -12.38 2.25
C LEU A 95 23.85 -13.44 2.26
N ALA A 96 23.36 -13.78 1.08
CA ALA A 96 22.30 -14.79 0.96
C ALA A 96 22.85 -16.15 1.39
N ALA A 97 24.09 -16.46 0.99
CA ALA A 97 24.71 -17.72 1.34
C ALA A 97 24.90 -17.88 2.85
N GLN A 98 25.34 -16.82 3.52
CA GLN A 98 25.54 -16.92 4.96
C GLN A 98 24.19 -17.10 5.64
N GLN A 99 23.16 -16.47 5.09
CA GLN A 99 21.81 -16.53 5.64
C GLN A 99 21.02 -17.75 5.18
N ARG A 100 21.69 -18.69 4.51
CA ARG A 100 21.04 -19.90 4.01
C ARG A 100 19.80 -19.57 3.18
N ILE A 101 19.97 -18.68 2.21
CA ILE A 101 18.88 -18.28 1.33
C ILE A 101 19.24 -18.68 -0.11
N ALA A 102 18.35 -19.44 -0.75
CA ALA A 102 18.58 -19.89 -2.13
C ALA A 102 18.22 -18.79 -3.12
N LEU A 103 18.91 -18.73 -4.25
CA LEU A 103 18.64 -17.70 -5.25
C LEU A 103 18.28 -18.26 -6.62
N THR A 104 17.40 -17.55 -7.31
CA THR A 104 17.01 -17.95 -8.65
C THR A 104 18.05 -17.34 -9.59
N VAL A 105 18.42 -18.09 -10.63
CA VAL A 105 19.40 -17.63 -11.61
C VAL A 105 18.91 -18.00 -13.02
N PHE A 106 19.18 -17.13 -13.99
CA PHE A 106 18.74 -17.37 -15.37
C PHE A 106 19.70 -16.78 -16.39
N ARG A 107 20.83 -16.24 -15.93
CA ARG A 107 21.83 -15.65 -16.81
C ARG A 107 23.25 -16.01 -16.42
N SER A 108 24.05 -16.39 -17.40
CA SER A 108 25.44 -16.76 -17.15
C SER A 108 26.29 -15.56 -16.73
N ASP A 109 25.97 -14.37 -17.24
CA ASP A 109 26.77 -13.21 -16.86
C ASP A 109 26.61 -12.87 -15.38
N TRP A 110 25.47 -13.25 -14.79
CA TRP A 110 25.23 -13.00 -13.37
C TRP A 110 26.24 -13.81 -12.57
N LEU A 111 26.43 -15.07 -12.97
CA LEU A 111 27.35 -15.96 -12.30
C LEU A 111 28.80 -15.53 -12.51
N GLU A 112 29.07 -14.92 -13.66
CA GLU A 112 30.42 -14.44 -13.95
C GLU A 112 30.78 -13.42 -12.88
N GLU A 113 29.89 -12.47 -12.68
CA GLU A 113 30.07 -11.42 -11.69
C GLU A 113 30.11 -11.94 -10.26
N ALA A 114 29.29 -12.95 -9.98
CA ALA A 114 29.24 -13.53 -8.65
C ALA A 114 30.55 -14.23 -8.29
N SER A 115 31.04 -15.08 -9.19
CA SER A 115 32.29 -15.79 -8.94
C SER A 115 33.44 -14.84 -8.71
N ALA A 116 33.42 -13.70 -9.39
CA ALA A 116 34.46 -12.70 -9.25
C ALA A 116 34.45 -12.06 -7.86
N LEU A 117 33.28 -12.07 -7.22
CA LEU A 117 33.17 -11.46 -5.91
C LEU A 117 33.00 -12.45 -4.75
N TYR A 118 32.80 -13.73 -5.05
CA TYR A 118 32.61 -14.73 -4.00
C TYR A 118 33.46 -16.00 -4.15
N SER A 119 33.96 -16.51 -3.03
CA SER A 119 34.80 -17.72 -3.03
C SER A 119 34.67 -18.58 -1.77
N GLY A 120 33.57 -18.46 -1.04
CA GLY A 120 33.38 -19.26 0.16
C GLY A 120 33.28 -18.47 1.44
N PRO A 121 33.07 -19.14 2.59
CA PRO A 121 32.92 -20.59 2.76
C PRO A 121 31.50 -21.15 2.65
N PHE A 122 30.50 -20.28 2.77
CA PHE A 122 29.11 -20.72 2.68
C PHE A 122 28.68 -20.93 1.22
N PRO A 123 28.00 -22.05 0.94
CA PRO A 123 27.55 -22.34 -0.44
C PRO A 123 26.27 -21.62 -0.82
N ILE A 124 26.14 -21.28 -2.09
CA ILE A 124 24.94 -20.62 -2.56
C ILE A 124 24.19 -21.67 -3.35
N HIS A 125 22.96 -21.93 -2.94
CA HIS A 125 22.13 -22.91 -3.61
C HIS A 125 21.33 -22.16 -4.65
N PHE A 126 21.40 -22.61 -5.89
CA PHE A 126 20.67 -21.94 -6.97
C PHE A 126 19.51 -22.76 -7.49
N HIS A 127 18.55 -22.05 -8.06
CA HIS A 127 17.41 -22.66 -8.70
C HIS A 127 17.38 -22.00 -10.08
N LEU A 128 17.66 -22.78 -11.11
CA LEU A 128 17.67 -22.27 -12.48
C LEU A 128 16.25 -22.10 -12.99
N LYS A 129 15.92 -20.88 -13.37
CA LYS A 129 14.60 -20.59 -13.90
C LYS A 129 14.61 -20.76 -15.41
N MET A 130 13.59 -21.46 -15.93
CA MET A 130 13.47 -21.66 -17.37
C MET A 130 12.18 -20.97 -17.80
N ASP A 131 12.26 -20.17 -18.86
CA ASP A 131 11.10 -19.47 -19.39
C ASP A 131 10.45 -20.36 -20.44
N THR A 132 9.24 -20.86 -20.16
CA THR A 132 8.54 -21.73 -21.09
C THR A 132 7.31 -21.07 -21.71
N GLY A 133 7.16 -19.77 -21.52
CA GLY A 133 6.01 -19.10 -22.09
C GLY A 133 5.41 -17.97 -21.29
N MET A 134 5.96 -17.66 -20.12
CA MET A 134 5.46 -16.57 -19.30
C MET A 134 6.11 -15.24 -19.76
N GLY A 135 7.30 -15.33 -20.33
CA GLY A 135 8.01 -14.16 -20.83
C GLY A 135 8.55 -13.19 -19.80
N ARG A 136 8.77 -13.67 -18.57
CA ARG A 136 9.24 -12.82 -17.47
C ARG A 136 10.73 -13.03 -17.22
N LEU A 137 11.07 -14.07 -16.47
CA LEU A 137 12.45 -14.41 -16.18
C LEU A 137 12.74 -15.84 -16.65
N GLY A 138 14.01 -16.18 -16.75
CA GLY A 138 14.39 -17.52 -17.16
C GLY A 138 15.14 -17.63 -18.48
N VAL A 139 15.94 -18.69 -18.61
CA VAL A 139 16.71 -18.95 -19.81
C VAL A 139 15.76 -19.41 -20.91
N LYS A 140 16.21 -19.29 -22.16
CA LYS A 140 15.38 -19.71 -23.28
C LYS A 140 16.14 -20.57 -24.29
N ASP A 141 17.45 -20.66 -24.17
CA ASP A 141 18.25 -21.46 -25.10
C ASP A 141 19.19 -22.45 -24.42
N GLU A 142 19.46 -23.55 -25.10
CA GLU A 142 20.32 -24.60 -24.57
C GLU A 142 21.72 -24.12 -24.24
N GLU A 143 22.32 -23.34 -25.12
CA GLU A 143 23.66 -22.81 -24.90
C GLU A 143 23.76 -22.11 -23.54
N GLU A 144 22.89 -21.13 -23.30
CA GLU A 144 22.90 -20.40 -22.05
C GLU A 144 22.63 -21.34 -20.89
N THR A 145 21.75 -22.31 -21.10
CA THR A 145 21.41 -23.28 -20.06
C THR A 145 22.63 -24.11 -19.66
N LYS A 146 23.36 -24.61 -20.65
CA LYS A 146 24.54 -25.42 -20.37
C LYS A 146 25.67 -24.59 -19.76
N ARG A 147 25.80 -23.34 -20.17
CA ARG A 147 26.86 -22.48 -19.62
C ARG A 147 26.57 -22.19 -18.15
N ILE A 148 25.31 -21.94 -17.82
CA ILE A 148 24.94 -21.65 -16.44
C ILE A 148 25.30 -22.83 -15.55
N VAL A 149 24.94 -24.04 -15.99
CA VAL A 149 25.23 -25.25 -15.22
C VAL A 149 26.74 -25.41 -15.05
N ALA A 150 27.49 -25.20 -16.13
CA ALA A 150 28.95 -25.33 -16.10
C ALA A 150 29.63 -24.34 -15.16
N LEU A 151 29.14 -23.10 -15.14
CA LEU A 151 29.71 -22.07 -14.28
C LEU A 151 29.47 -22.45 -12.83
N ILE A 152 28.27 -22.98 -12.55
CA ILE A 152 27.91 -23.40 -11.21
C ILE A 152 28.75 -24.61 -10.85
N GLU A 153 28.71 -25.62 -11.72
CA GLU A 153 29.48 -26.85 -11.50
C GLU A 153 30.96 -26.59 -11.28
N ARG A 154 31.50 -25.52 -11.87
CA ARG A 154 32.92 -25.27 -11.70
C ARG A 154 33.31 -24.53 -10.42
N HIS A 155 32.41 -23.72 -9.88
CA HIS A 155 32.71 -22.99 -8.63
C HIS A 155 32.46 -23.90 -7.42
N PRO A 156 33.45 -24.00 -6.52
CA PRO A 156 33.33 -24.85 -5.32
C PRO A 156 32.22 -24.47 -4.35
N HIS A 157 31.74 -23.24 -4.42
CA HIS A 157 30.70 -22.80 -3.51
C HIS A 157 29.36 -22.43 -4.14
N PHE A 158 29.15 -22.93 -5.35
CA PHE A 158 27.90 -22.72 -6.08
C PHE A 158 27.27 -24.10 -6.18
N VAL A 159 25.98 -24.20 -5.87
CA VAL A 159 25.27 -25.47 -5.91
C VAL A 159 23.96 -25.35 -6.69
N LEU A 160 23.69 -26.30 -7.57
CA LEU A 160 22.44 -26.30 -8.33
C LEU A 160 21.40 -27.13 -7.58
N GLU A 161 20.67 -26.46 -6.69
CA GLU A 161 19.65 -27.12 -5.87
C GLU A 161 18.39 -27.45 -6.65
N GLY A 162 17.96 -26.54 -7.52
CA GLY A 162 16.76 -26.81 -8.28
C GLY A 162 16.71 -26.18 -9.65
N LEU A 163 15.56 -26.35 -10.28
CA LEU A 163 15.34 -25.81 -11.59
C LEU A 163 13.83 -25.78 -11.78
N TYR A 164 13.33 -24.69 -12.34
CA TYR A 164 11.90 -24.56 -12.50
C TYR A 164 11.42 -23.61 -13.58
N THR A 165 10.10 -23.59 -13.76
CA THR A 165 9.45 -22.70 -14.69
C THR A 165 8.15 -22.25 -14.02
N HIS A 166 7.41 -21.39 -14.69
CA HIS A 166 6.16 -20.88 -14.14
C HIS A 166 5.13 -20.72 -15.24
N PHE A 167 3.87 -21.02 -14.92
CA PHE A 167 2.76 -20.94 -15.88
C PHE A 167 2.03 -19.60 -15.95
N ALA A 168 1.64 -19.22 -17.17
CA ALA A 168 0.94 -17.98 -17.43
C ALA A 168 -0.58 -18.15 -17.49
N THR A 169 -1.04 -19.37 -17.73
CA THR A 169 -2.47 -19.64 -17.87
C THR A 169 -3.00 -20.89 -17.17
N ALA A 170 -2.35 -21.30 -16.08
CA ALA A 170 -2.79 -22.50 -15.37
C ALA A 170 -4.17 -22.37 -14.71
N ASP A 171 -4.70 -21.14 -14.68
CA ASP A 171 -6.01 -20.89 -14.07
C ASP A 171 -7.13 -20.70 -15.10
N GLU A 172 -6.90 -21.17 -16.32
CA GLU A 172 -7.91 -21.05 -17.38
C GLU A 172 -8.40 -22.46 -17.66
N VAL A 173 -9.72 -22.65 -17.75
CA VAL A 173 -10.24 -23.98 -18.00
C VAL A 173 -9.61 -24.58 -19.26
N ASN A 174 -9.51 -23.80 -20.33
CA ASN A 174 -8.87 -24.31 -21.54
C ASN A 174 -7.38 -24.43 -21.25
N THR A 175 -6.83 -25.62 -21.52
CA THR A 175 -5.43 -25.88 -21.22
C THR A 175 -4.45 -25.96 -22.40
N ASP A 176 -4.78 -25.32 -23.51
CA ASP A 176 -3.88 -25.35 -24.66
C ASP A 176 -2.51 -24.80 -24.35
N TYR A 177 -2.46 -23.56 -23.86
CA TYR A 177 -1.18 -22.93 -23.53
C TYR A 177 -0.49 -23.62 -22.36
N PHE A 178 -1.26 -23.99 -21.35
CA PHE A 178 -0.69 -24.65 -20.19
C PHE A 178 0.02 -25.93 -20.64
N SER A 179 -0.64 -26.68 -21.51
CA SER A 179 -0.09 -27.94 -22.04
C SER A 179 1.16 -27.69 -22.85
N TYR A 180 1.20 -26.57 -23.55
CA TYR A 180 2.35 -26.20 -24.35
C TYR A 180 3.57 -25.94 -23.44
N GLN A 181 3.38 -25.14 -22.40
CA GLN A 181 4.45 -24.82 -21.46
C GLN A 181 5.02 -26.05 -20.78
N TYR A 182 4.13 -26.93 -20.32
CA TYR A 182 4.53 -28.17 -19.65
C TYR A 182 5.42 -28.99 -20.57
N THR A 183 4.96 -29.18 -21.80
CA THR A 183 5.74 -29.94 -22.77
C THR A 183 7.04 -29.22 -23.09
N ARG A 184 6.99 -27.88 -23.09
CA ARG A 184 8.18 -27.08 -23.36
C ARG A 184 9.19 -27.31 -22.23
N PHE A 185 8.70 -27.30 -21.00
CA PHE A 185 9.53 -27.54 -19.81
C PHE A 185 10.20 -28.90 -19.92
N LEU A 186 9.44 -29.92 -20.30
CA LEU A 186 9.96 -31.28 -20.46
C LEU A 186 11.13 -31.36 -21.45
N HIS A 187 11.03 -30.61 -22.54
CA HIS A 187 12.06 -30.57 -23.56
C HIS A 187 13.31 -29.82 -23.09
N MET A 188 13.13 -28.66 -22.46
CA MET A 188 14.24 -27.87 -21.96
C MET A 188 14.98 -28.59 -20.84
N LEU A 189 14.25 -29.36 -20.05
CA LEU A 189 14.86 -30.11 -18.95
C LEU A 189 15.94 -31.02 -19.52
N GLU A 190 15.72 -31.47 -20.74
CA GLU A 190 16.67 -32.35 -21.42
C GLU A 190 18.04 -31.72 -21.66
N TRP A 191 18.10 -30.39 -21.60
CA TRP A 191 19.37 -29.69 -21.82
C TRP A 191 20.31 -29.83 -20.62
N LEU A 192 19.75 -30.12 -19.45
CA LEU A 192 20.55 -30.27 -18.24
C LEU A 192 21.33 -31.58 -18.24
N PRO A 193 22.62 -31.53 -17.85
CA PRO A 193 23.44 -32.73 -17.82
C PRO A 193 22.99 -33.65 -16.68
N SER A 194 22.58 -33.05 -15.57
CA SER A 194 22.11 -33.80 -14.40
C SER A 194 20.85 -33.15 -13.83
N ARG A 195 19.92 -33.96 -13.36
CA ARG A 195 18.68 -33.47 -12.78
C ARG A 195 18.91 -32.99 -11.35
N PRO A 196 18.54 -31.74 -11.04
CA PRO A 196 18.71 -31.18 -9.71
C PRO A 196 17.76 -31.87 -8.73
N PRO A 197 18.10 -31.84 -7.43
CA PRO A 197 17.25 -32.48 -6.42
C PRO A 197 15.81 -31.96 -6.41
N LEU A 198 15.64 -30.70 -6.80
CA LEU A 198 14.31 -30.12 -6.83
C LEU A 198 13.90 -29.62 -8.20
N VAL A 199 12.85 -30.23 -8.74
CA VAL A 199 12.30 -29.85 -10.05
C VAL A 199 10.85 -29.44 -9.78
N HIS A 200 10.51 -28.21 -10.15
CA HIS A 200 9.15 -27.73 -9.90
C HIS A 200 8.59 -26.81 -10.96
N CYS A 201 7.26 -26.75 -11.05
CA CYS A 201 6.60 -25.92 -12.04
C CYS A 201 5.24 -25.37 -11.61
N ALA A 202 4.51 -26.16 -10.82
CA ALA A 202 3.16 -25.82 -10.38
C ALA A 202 2.94 -24.77 -9.31
N ASN A 203 1.96 -23.90 -9.57
CA ASN A 203 1.52 -22.87 -8.64
C ASN A 203 0.21 -23.43 -8.01
N SER A 204 -0.63 -22.58 -7.44
CA SER A 204 -1.87 -23.06 -6.84
C SER A 204 -2.78 -23.78 -7.84
N ALA A 205 -3.11 -23.12 -8.94
CA ALA A 205 -3.97 -23.69 -9.96
C ALA A 205 -3.46 -25.01 -10.57
N ALA A 206 -2.18 -25.06 -10.93
CA ALA A 206 -1.61 -26.27 -11.53
C ALA A 206 -1.56 -27.42 -10.51
N SER A 207 -1.33 -27.07 -9.26
CA SER A 207 -1.23 -28.04 -8.18
C SER A 207 -2.56 -28.71 -7.87
N LEU A 208 -3.60 -27.90 -7.68
CA LEU A 208 -4.92 -28.39 -7.33
C LEU A 208 -5.66 -29.11 -8.45
N ARG A 209 -5.36 -28.74 -9.69
CA ARG A 209 -6.02 -29.34 -10.84
C ARG A 209 -5.30 -30.59 -11.35
N PHE A 210 -3.97 -30.53 -11.38
CA PHE A 210 -3.17 -31.64 -11.86
C PHE A 210 -2.04 -32.00 -10.90
N PRO A 211 -2.39 -32.51 -9.69
CA PRO A 211 -1.45 -32.89 -8.65
C PRO A 211 -0.46 -33.97 -9.11
N ASP A 212 -0.81 -34.63 -10.21
CA ASP A 212 0.00 -35.70 -10.82
C ASP A 212 1.03 -35.18 -11.82
N ARG A 213 1.07 -33.86 -12.00
CA ARG A 213 2.00 -33.24 -12.93
C ARG A 213 2.71 -32.10 -12.21
N THR A 214 3.29 -32.41 -11.05
CA THR A 214 3.96 -31.41 -10.23
C THR A 214 5.45 -31.64 -9.97
N PHE A 215 6.00 -32.74 -10.46
CA PHE A 215 7.41 -33.05 -10.25
C PHE A 215 7.60 -33.20 -8.73
N ASN A 216 8.71 -32.76 -8.12
CA ASN A 216 8.75 -32.99 -6.68
C ASN A 216 8.65 -31.81 -5.72
N MET A 217 8.09 -30.69 -6.20
CA MET A 217 7.86 -29.53 -5.37
C MET A 217 6.88 -28.56 -6.02
N VAL A 218 5.92 -28.09 -5.24
CA VAL A 218 4.93 -27.15 -5.71
C VAL A 218 5.15 -25.85 -4.95
N ARG A 219 4.80 -24.73 -5.58
CA ARG A 219 4.93 -23.42 -4.97
C ARG A 219 3.50 -22.89 -4.77
N PHE A 220 2.98 -23.12 -3.56
CA PHE A 220 1.62 -22.79 -3.16
C PHE A 220 1.41 -21.37 -2.64
N GLY A 221 0.66 -20.57 -3.39
CA GLY A 221 0.40 -19.20 -2.99
C GLY A 221 -1.05 -18.82 -2.71
N ILE A 222 -1.70 -18.21 -3.70
CA ILE A 222 -3.08 -17.74 -3.58
C ILE A 222 -4.08 -18.67 -2.86
N ALA A 223 -4.05 -19.97 -3.18
CA ALA A 223 -4.98 -20.91 -2.54
C ALA A 223 -4.73 -21.09 -1.06
N MET A 224 -3.48 -20.87 -0.62
CA MET A 224 -3.12 -20.99 0.79
C MET A 224 -3.91 -19.96 1.60
N TYR A 225 -4.25 -18.85 0.97
CA TYR A 225 -5.01 -17.78 1.61
C TYR A 225 -6.52 -17.98 1.45
N GLY A 226 -6.90 -19.12 0.86
CA GLY A 226 -8.29 -19.43 0.66
C GLY A 226 -8.92 -18.70 -0.51
N LEU A 227 -8.08 -18.20 -1.42
CA LEU A 227 -8.57 -17.46 -2.58
C LEU A 227 -8.43 -18.27 -3.87
N ALA A 228 -9.47 -18.28 -4.68
CA ALA A 228 -9.42 -19.04 -5.93
C ALA A 228 -8.48 -18.40 -6.95
N PRO A 229 -7.57 -19.22 -7.55
CA PRO A 229 -6.63 -18.70 -8.55
C PRO A 229 -7.37 -17.89 -9.60
N SER A 230 -8.60 -18.31 -9.88
CA SER A 230 -9.48 -17.65 -10.83
C SER A 230 -10.88 -18.14 -10.49
N PRO A 231 -11.86 -17.23 -10.48
CA PRO A 231 -13.23 -17.70 -10.15
C PRO A 231 -13.73 -18.75 -11.16
N GLY A 232 -13.17 -18.71 -12.37
CA GLY A 232 -13.56 -19.62 -13.41
C GLY A 232 -13.20 -21.08 -13.16
N ILE A 233 -12.15 -21.31 -12.37
CA ILE A 233 -11.77 -22.68 -12.09
C ILE A 233 -12.28 -23.11 -10.72
N LYS A 234 -13.17 -22.31 -10.15
CA LYS A 234 -13.74 -22.60 -8.83
C LYS A 234 -14.34 -24.01 -8.79
N PRO A 235 -15.23 -24.31 -9.75
CA PRO A 235 -15.87 -25.63 -9.79
C PRO A 235 -14.89 -26.79 -9.98
N LEU A 236 -13.69 -26.49 -10.43
CA LEU A 236 -12.68 -27.52 -10.67
C LEU A 236 -11.75 -27.78 -9.50
N LEU A 237 -11.95 -27.05 -8.40
CA LEU A 237 -11.11 -27.21 -7.22
C LEU A 237 -11.45 -28.50 -6.45
N PRO A 238 -10.41 -29.29 -6.08
CA PRO A 238 -10.55 -30.56 -5.36
C PRO A 238 -11.18 -30.50 -3.97
N TYR A 239 -10.89 -29.42 -3.22
CA TYR A 239 -11.45 -29.27 -1.89
C TYR A 239 -11.88 -27.81 -1.64
N PRO A 240 -12.82 -27.60 -0.71
CA PRO A 240 -13.28 -26.23 -0.42
C PRO A 240 -12.20 -25.36 0.22
N LEU A 241 -12.05 -24.14 -0.30
CA LEU A 241 -11.05 -23.20 0.20
C LEU A 241 -11.65 -22.37 1.32
N LYS A 242 -10.81 -22.01 2.29
CA LYS A 242 -11.25 -21.20 3.43
C LYS A 242 -10.56 -19.85 3.39
N GLU A 243 -11.33 -18.79 3.13
CA GLU A 243 -10.81 -17.43 3.04
C GLU A 243 -10.23 -17.03 4.38
N ALA A 244 -8.99 -16.55 4.38
CA ALA A 244 -8.32 -16.18 5.62
C ALA A 244 -8.25 -14.70 5.96
N PHE A 245 -8.78 -13.84 5.11
CA PHE A 245 -8.69 -12.39 5.33
C PHE A 245 -10.02 -11.67 5.39
N SER A 246 -10.18 -10.80 6.38
CA SER A 246 -11.38 -9.98 6.50
C SER A 246 -10.93 -8.60 6.98
N LEU A 247 -11.73 -7.58 6.70
CA LEU A 247 -11.40 -6.20 7.04
C LEU A 247 -12.57 -5.47 7.72
N HIS A 248 -12.28 -4.80 8.83
CA HIS A 248 -13.33 -4.11 9.59
C HIS A 248 -13.03 -2.70 10.07
N SER A 249 -14.08 -2.01 10.52
CA SER A 249 -14.02 -0.66 11.05
C SER A 249 -15.23 -0.41 11.95
N ARG A 250 -15.43 0.83 12.39
CA ARG A 250 -16.57 1.18 13.23
C ARG A 250 -17.00 2.59 12.92
N LEU A 251 -18.27 2.91 13.19
CA LEU A 251 -18.77 4.26 12.96
C LEU A 251 -18.15 5.20 14.01
N VAL A 252 -17.58 6.32 13.56
CA VAL A 252 -16.97 7.26 14.49
C VAL A 252 -17.81 8.54 14.57
N HIS A 253 -18.76 8.67 13.66
CA HIS A 253 -19.68 9.80 13.67
C HIS A 253 -20.94 9.39 12.93
N VAL A 254 -22.08 9.88 13.42
CA VAL A 254 -23.39 9.59 12.85
C VAL A 254 -24.20 10.88 12.87
N LYS A 255 -24.83 11.19 11.75
CA LYS A 255 -25.63 12.40 11.66
C LYS A 255 -26.73 12.25 10.63
N LYS A 256 -27.80 13.03 10.82
CA LYS A 256 -28.92 12.98 9.88
C LYS A 256 -28.89 14.23 9.02
N LEU A 257 -28.72 14.03 7.72
CA LEU A 257 -28.68 15.14 6.78
C LEU A 257 -30.11 15.51 6.37
N GLN A 258 -30.25 16.76 5.94
CA GLN A 258 -31.53 17.28 5.48
C GLN A 258 -31.43 17.26 3.96
N PRO A 259 -32.57 17.29 3.26
CA PRO A 259 -32.54 17.28 1.80
C PRO A 259 -31.73 18.45 1.24
N GLY A 260 -30.76 18.17 0.38
CA GLY A 260 -29.96 19.23 -0.21
C GLY A 260 -28.52 19.30 0.26
N GLU A 261 -28.25 18.75 1.44
CA GLU A 261 -26.90 18.78 1.99
C GLU A 261 -25.97 17.90 1.16
N LYS A 262 -24.74 18.37 0.94
CA LYS A 262 -23.77 17.62 0.14
C LYS A 262 -22.72 16.89 0.96
N VAL A 263 -22.11 15.86 0.37
CA VAL A 263 -21.10 15.08 1.07
C VAL A 263 -19.81 14.92 0.28
N SER A 264 -18.69 15.08 1.00
CA SER A 264 -17.34 14.94 0.47
C SER A 264 -16.88 15.91 -0.59
N TYR A 265 -15.68 15.64 -1.10
CA TYR A 265 -15.04 16.45 -2.11
C TYR A 265 -15.86 16.64 -3.37
N GLY A 266 -15.82 17.86 -3.88
CA GLY A 266 -16.57 18.20 -5.07
C GLY A 266 -18.06 18.31 -4.83
N ALA A 267 -18.50 18.12 -3.58
CA ALA A 267 -19.91 18.18 -3.21
C ALA A 267 -20.68 17.26 -4.16
N THR A 268 -19.97 16.21 -4.58
CA THR A 268 -20.45 15.21 -5.52
C THR A 268 -21.74 14.47 -5.13
N TYR A 269 -22.00 14.35 -3.83
CA TYR A 269 -23.19 13.65 -3.35
C TYR A 269 -24.16 14.58 -2.63
N THR A 270 -25.44 14.31 -2.81
CA THR A 270 -26.48 15.10 -2.19
C THR A 270 -27.53 14.20 -1.58
N ALA A 271 -27.82 14.43 -0.30
CA ALA A 271 -28.85 13.68 0.39
C ALA A 271 -30.14 14.31 -0.15
N GLN A 272 -30.94 13.63 -0.97
CA GLN A 272 -32.16 14.31 -1.39
C GLN A 272 -33.41 14.09 -0.46
N THR A 273 -33.20 13.35 0.64
CA THR A 273 -34.24 13.16 1.67
C THR A 273 -33.53 13.04 3.02
N GLU A 274 -34.25 13.37 4.09
CA GLU A 274 -33.67 13.25 5.42
C GLU A 274 -33.06 11.85 5.50
N GLU A 275 -31.77 11.77 5.75
CA GLU A 275 -31.10 10.47 5.85
C GLU A 275 -29.92 10.46 6.80
N TRP A 276 -29.62 9.29 7.36
CA TRP A 276 -28.50 9.15 8.29
C TRP A 276 -27.21 8.78 7.58
N ILE A 277 -26.17 9.58 7.82
CA ILE A 277 -24.86 9.37 7.22
C ILE A 277 -23.86 8.94 8.29
N GLY A 278 -23.09 7.90 7.97
CA GLY A 278 -22.09 7.42 8.90
C GLY A 278 -20.69 7.67 8.38
N THR A 279 -19.74 7.93 9.29
CA THR A 279 -18.35 8.18 8.91
C THR A 279 -17.46 7.10 9.54
N ILE A 280 -16.61 6.48 8.72
CA ILE A 280 -15.72 5.44 9.22
C ILE A 280 -14.28 5.86 9.01
N PRO A 281 -13.37 5.39 9.87
CA PRO A 281 -11.95 5.74 9.76
C PRO A 281 -11.12 4.88 8.81
N ILE A 282 -11.52 4.84 7.55
CA ILE A 282 -10.79 4.09 6.52
C ILE A 282 -10.88 4.85 5.18
N GLY A 283 -9.77 4.90 4.46
CA GLY A 283 -9.75 5.63 3.19
C GLY A 283 -8.77 5.00 2.22
N TYR A 284 -8.46 5.70 1.13
CA TYR A 284 -7.55 5.13 0.13
C TYR A 284 -6.09 4.91 0.56
N ALA A 285 -5.63 5.60 1.61
CA ALA A 285 -4.27 5.38 2.09
C ALA A 285 -4.20 4.06 2.85
N ASP A 286 -5.35 3.44 3.07
CA ASP A 286 -5.42 2.16 3.77
C ASP A 286 -5.64 1.03 2.78
N GLY A 287 -5.81 1.38 1.51
CA GLY A 287 -6.04 0.38 0.50
C GLY A 287 -7.48 0.33 0.03
N TRP A 288 -8.34 1.15 0.63
CA TRP A 288 -9.74 1.24 0.25
C TRP A 288 -9.75 2.34 -0.81
N LEU A 289 -9.24 1.99 -1.99
CA LEU A 289 -9.11 2.92 -3.11
C LEU A 289 -10.33 3.71 -3.52
N ARG A 290 -10.08 4.96 -3.93
CA ARG A 290 -11.14 5.88 -4.36
C ARG A 290 -12.11 5.21 -5.32
N ARG A 291 -11.59 4.25 -6.08
CA ARG A 291 -12.35 3.51 -7.08
C ARG A 291 -13.52 2.72 -6.52
N LEU A 292 -13.44 2.37 -5.24
CA LEU A 292 -14.51 1.60 -4.60
C LEU A 292 -15.63 2.48 -4.08
N GLN A 293 -15.82 3.65 -4.68
CA GLN A 293 -16.85 4.57 -4.20
C GLN A 293 -18.27 4.23 -4.60
N HIS A 294 -18.45 3.39 -5.62
CA HIS A 294 -19.77 2.98 -6.05
C HIS A 294 -20.17 1.71 -5.30
N PHE A 295 -19.19 1.19 -4.53
CA PHE A 295 -19.36 -0.02 -3.75
C PHE A 295 -20.11 0.21 -2.43
N HIS A 296 -20.11 -0.82 -1.57
CA HIS A 296 -20.81 -0.74 -0.29
C HIS A 296 -20.06 -1.48 0.82
N VAL A 297 -20.59 -1.38 2.02
CA VAL A 297 -20.03 -2.04 3.20
C VAL A 297 -21.20 -2.70 3.97
N LEU A 298 -20.88 -3.44 5.03
CA LEU A 298 -21.90 -4.11 5.82
C LEU A 298 -22.02 -3.43 7.18
N VAL A 299 -23.25 -3.04 7.54
CA VAL A 299 -23.52 -2.39 8.82
C VAL A 299 -24.78 -3.01 9.40
N ASP A 300 -24.69 -3.48 10.64
CA ASP A 300 -25.86 -4.09 11.29
C ASP A 300 -26.38 -5.25 10.44
N GLY A 301 -25.46 -5.97 9.79
CA GLY A 301 -25.82 -7.09 8.95
C GLY A 301 -26.50 -6.68 7.65
N GLN A 302 -26.56 -5.38 7.42
CA GLN A 302 -27.21 -4.83 6.23
C GLN A 302 -26.19 -4.06 5.37
N LYS A 303 -26.46 -3.98 4.08
CA LYS A 303 -25.55 -3.26 3.17
C LYS A 303 -25.79 -1.76 3.13
N ALA A 304 -24.73 -0.98 3.30
CA ALA A 304 -24.80 0.48 3.27
C ALA A 304 -23.80 0.99 2.21
N PRO A 305 -24.31 1.67 1.18
CA PRO A 305 -23.45 2.20 0.11
C PRO A 305 -22.51 3.31 0.53
N ILE A 306 -21.32 3.33 -0.08
CA ILE A 306 -20.36 4.38 0.21
C ILE A 306 -20.97 5.61 -0.43
N VAL A 307 -20.89 6.75 0.24
CA VAL A 307 -21.49 7.96 -0.27
C VAL A 307 -20.45 9.05 -0.53
N GLY A 308 -20.50 9.64 -1.72
CA GLY A 308 -19.54 10.68 -2.06
C GLY A 308 -18.16 10.11 -2.36
N ARG A 309 -17.17 11.00 -2.44
CA ARG A 309 -15.80 10.59 -2.70
C ARG A 309 -15.13 9.98 -1.47
N ILE A 310 -14.33 8.94 -1.69
CA ILE A 310 -13.60 8.28 -0.62
C ILE A 310 -12.37 9.15 -0.34
N CYS A 311 -12.13 9.43 0.95
CA CYS A 311 -11.00 10.26 1.34
C CYS A 311 -9.76 9.42 1.69
N MET A 312 -8.63 10.09 1.93
CA MET A 312 -7.40 9.41 2.25
C MET A 312 -7.46 8.49 3.48
N ASP A 313 -8.14 8.93 4.53
CA ASP A 313 -8.24 8.14 5.75
C ASP A 313 -9.68 7.89 6.21
N GLN A 314 -10.64 8.46 5.50
CA GLN A 314 -12.06 8.31 5.87
C GLN A 314 -13.01 8.28 4.67
N CYS A 315 -14.22 7.78 4.92
CA CYS A 315 -15.28 7.76 3.91
C CYS A 315 -16.63 7.72 4.62
N MET A 316 -17.67 8.12 3.91
CA MET A 316 -19.01 8.15 4.49
C MET A 316 -19.91 7.11 3.83
N ILE A 317 -20.93 6.66 4.55
CA ILE A 317 -21.88 5.68 4.03
C ILE A 317 -23.30 6.06 4.42
N ARG A 318 -24.27 5.72 3.58
CA ARG A 318 -25.66 6.01 3.89
C ARG A 318 -26.15 4.89 4.79
N LEU A 319 -26.52 5.24 6.02
CA LEU A 319 -27.01 4.26 6.97
C LEU A 319 -28.47 3.97 6.64
N PRO A 320 -28.95 2.75 6.94
CA PRO A 320 -30.35 2.37 6.67
C PRO A 320 -31.28 3.12 7.63
N GLY A 321 -30.70 3.57 8.73
CA GLY A 321 -31.42 4.31 9.74
C GLY A 321 -30.43 4.76 10.80
N PRO A 322 -30.89 5.48 11.84
CA PRO A 322 -29.99 5.95 12.91
C PRO A 322 -29.32 4.81 13.66
N LEU A 323 -27.99 4.83 13.71
CA LEU A 323 -27.22 3.81 14.40
C LEU A 323 -26.27 4.53 15.35
N PRO A 324 -25.80 3.83 16.40
CA PRO A 324 -24.88 4.45 17.37
C PRO A 324 -23.42 4.43 16.97
N VAL A 325 -22.70 5.48 17.34
CA VAL A 325 -21.27 5.55 17.05
C VAL A 325 -20.68 4.30 17.67
N GLY A 326 -19.75 3.65 16.96
CA GLY A 326 -19.12 2.45 17.50
C GLY A 326 -19.64 1.16 16.88
N THR A 327 -20.73 1.25 16.12
CA THR A 327 -21.31 0.08 15.46
C THR A 327 -20.28 -0.50 14.49
N LYS A 328 -20.05 -1.81 14.58
CA LYS A 328 -19.09 -2.44 13.68
C LYS A 328 -19.48 -2.40 12.21
N VAL A 329 -18.48 -2.18 11.37
CA VAL A 329 -18.66 -2.12 9.92
C VAL A 329 -17.73 -3.19 9.34
N THR A 330 -18.21 -3.92 8.34
CA THR A 330 -17.40 -4.95 7.72
C THR A 330 -17.24 -4.62 6.24
N LEU A 331 -16.00 -4.36 5.84
CA LEU A 331 -15.68 -4.01 4.46
C LEU A 331 -15.49 -5.30 3.65
N ILE A 332 -14.89 -6.30 4.30
CA ILE A 332 -14.65 -7.61 3.70
C ILE A 332 -14.94 -8.62 4.81
N GLY A 333 -15.89 -9.53 4.57
CA GLY A 333 -16.24 -10.50 5.57
C GLY A 333 -17.74 -10.71 5.61
N ARG A 334 -18.25 -11.33 6.67
CA ARG A 334 -19.68 -11.59 6.76
C ARG A 334 -20.38 -10.93 7.95
N GLN A 335 -21.60 -10.46 7.71
CA GLN A 335 -22.41 -9.85 8.74
C GLN A 335 -23.82 -10.39 8.60
N GLY A 336 -24.17 -11.34 9.46
CA GLY A 336 -25.49 -11.95 9.42
C GLY A 336 -25.69 -12.82 8.21
N ASP A 337 -26.56 -12.39 7.31
CA ASP A 337 -26.85 -13.11 6.08
C ASP A 337 -26.18 -12.43 4.92
N GLU A 338 -25.29 -11.49 5.24
CA GLU A 338 -24.56 -10.74 4.23
C GLU A 338 -23.09 -11.07 4.28
N VAL A 339 -22.45 -11.05 3.12
CA VAL A 339 -21.02 -11.32 3.04
C VAL A 339 -20.39 -10.59 1.85
N ILE A 340 -19.20 -10.05 2.08
CA ILE A 340 -18.45 -9.36 1.05
C ILE A 340 -17.13 -10.11 0.97
N SER A 341 -16.84 -10.65 -0.20
CA SER A 341 -15.60 -11.40 -0.38
C SER A 341 -14.56 -10.56 -1.11
N ILE A 342 -13.32 -11.00 -1.06
CA ILE A 342 -12.24 -10.29 -1.75
C ILE A 342 -12.54 -10.34 -3.24
N ASP A 343 -13.16 -11.41 -3.72
CA ASP A 343 -13.50 -11.52 -5.14
C ASP A 343 -14.50 -10.44 -5.55
N ASP A 344 -15.41 -10.09 -4.63
CA ASP A 344 -16.42 -9.05 -4.85
C ASP A 344 -15.72 -7.70 -5.00
N VAL A 345 -14.78 -7.45 -4.10
CA VAL A 345 -14.02 -6.20 -4.11
C VAL A 345 -13.23 -6.12 -5.41
N ALA A 346 -12.52 -7.20 -5.73
CA ALA A 346 -11.71 -7.29 -6.92
C ALA A 346 -12.55 -6.96 -8.15
N ARG A 347 -13.76 -7.50 -8.23
CA ARG A 347 -14.62 -7.23 -9.38
C ARG A 347 -14.98 -5.77 -9.52
N HIS A 348 -15.22 -5.10 -8.40
CA HIS A 348 -15.55 -3.69 -8.48
C HIS A 348 -14.35 -2.81 -8.76
N LEU A 349 -13.18 -3.28 -8.34
CA LEU A 349 -11.93 -2.54 -8.55
C LEU A 349 -11.45 -2.85 -9.96
N GLU A 350 -12.06 -3.86 -10.58
CA GLU A 350 -11.71 -4.28 -11.92
C GLU A 350 -10.29 -4.88 -11.92
N THR A 351 -10.05 -5.77 -10.96
CA THR A 351 -8.77 -6.47 -10.81
C THR A 351 -8.99 -7.93 -10.44
N ILE A 352 -7.92 -8.55 -9.97
CA ILE A 352 -7.94 -9.94 -9.54
C ILE A 352 -7.80 -9.92 -8.02
N ASN A 353 -8.25 -10.97 -7.35
CA ASN A 353 -8.19 -11.03 -5.89
C ASN A 353 -6.78 -10.82 -5.31
N TYR A 354 -5.76 -11.30 -6.02
CA TYR A 354 -4.37 -11.16 -5.57
C TYR A 354 -4.01 -9.74 -5.15
N GLU A 355 -4.43 -8.78 -5.96
CA GLU A 355 -4.10 -7.38 -5.70
C GLU A 355 -4.77 -6.74 -4.49
N VAL A 356 -5.95 -7.22 -4.14
CA VAL A 356 -6.69 -6.64 -3.02
C VAL A 356 -6.04 -6.60 -1.63
N PRO A 357 -5.67 -7.77 -1.07
CA PRO A 357 -5.06 -7.66 0.26
C PRO A 357 -3.68 -7.00 0.29
N CYS A 358 -2.95 -7.11 -0.81
CA CYS A 358 -1.62 -6.53 -0.93
C CYS A 358 -1.70 -5.01 -0.84
N THR A 359 -2.84 -4.45 -1.24
CA THR A 359 -3.04 -3.01 -1.22
C THR A 359 -3.47 -2.50 0.14
N ILE A 360 -3.94 -3.41 1.00
CA ILE A 360 -4.34 -2.99 2.34
C ILE A 360 -3.00 -2.65 2.96
N SER A 361 -2.77 -1.35 3.13
CA SER A 361 -1.50 -0.81 3.62
C SER A 361 -1.00 -1.16 5.01
N TYR A 362 0.29 -0.90 5.21
CA TYR A 362 1.03 -1.14 6.46
C TYR A 362 0.32 -0.48 7.64
N ARG A 363 -0.43 0.57 7.33
CA ARG A 363 -1.18 1.36 8.30
C ARG A 363 -2.25 0.60 9.05
N VAL A 364 -2.77 -0.46 8.42
CA VAL A 364 -3.84 -1.27 8.99
C VAL A 364 -3.33 -2.47 9.79
N PRO A 365 -3.66 -2.54 11.09
CA PRO A 365 -3.22 -3.64 11.94
C PRO A 365 -3.85 -4.97 11.53
N ARG A 366 -3.11 -6.05 11.74
CA ARG A 366 -3.60 -7.39 11.44
C ARG A 366 -3.77 -8.15 12.76
N ILE A 367 -4.99 -8.65 13.02
CA ILE A 367 -5.26 -9.40 14.23
C ILE A 367 -5.30 -10.86 13.82
N PHE A 368 -4.39 -11.65 14.37
CA PHE A 368 -4.29 -13.06 14.05
C PHE A 368 -5.07 -13.99 14.98
N PHE A 369 -5.79 -14.92 14.37
CA PHE A 369 -6.60 -15.91 15.10
C PHE A 369 -6.06 -17.31 14.86
N ARG A 370 -5.99 -18.08 15.92
CA ARG A 370 -5.54 -19.46 15.83
C ARG A 370 -6.34 -20.18 16.90
N HIS A 371 -6.95 -21.29 16.52
CA HIS A 371 -7.78 -22.08 17.43
C HIS A 371 -8.94 -21.20 17.85
N LYS A 372 -9.42 -20.42 16.90
CA LYS A 372 -10.54 -19.51 17.06
C LYS A 372 -10.37 -18.36 18.06
N ARG A 373 -9.16 -18.19 18.59
CA ARG A 373 -8.92 -17.11 19.53
C ARG A 373 -7.81 -16.21 19.02
N ILE A 374 -7.81 -14.95 19.46
CA ILE A 374 -6.77 -14.04 19.02
C ILE A 374 -5.42 -14.57 19.47
N MET A 375 -4.50 -14.69 18.53
CA MET A 375 -3.16 -15.19 18.78
C MET A 375 -2.19 -14.03 18.99
N GLU A 376 -2.36 -12.97 18.21
CA GLU A 376 -1.50 -11.80 18.30
C GLU A 376 -2.00 -10.66 17.42
N VAL A 377 -1.48 -9.47 17.67
CA VAL A 377 -1.84 -8.29 16.90
C VAL A 377 -0.55 -7.69 16.33
N ARG A 378 -0.58 -7.33 15.05
CA ARG A 378 0.58 -6.73 14.41
C ARG A 378 0.20 -5.37 13.83
N ASN A 379 0.75 -4.32 14.43
CA ASN A 379 0.52 -2.95 14.00
C ASN A 379 1.86 -2.45 13.48
N ALA A 380 1.99 -2.36 12.16
CA ALA A 380 3.24 -1.93 11.52
C ALA A 380 3.75 -0.56 11.96
N ILE A 381 2.86 0.37 12.31
CA ILE A 381 3.31 1.69 12.77
C ILE A 381 3.23 1.82 14.28
N GLY A 382 3.23 0.69 14.97
CA GLY A 382 3.17 0.69 16.43
C GLY A 382 4.57 0.76 17.03
N ASN B 2 20.96 2.38 6.40
CA ASN B 2 19.90 1.41 6.04
C ASN B 2 19.95 1.12 4.54
N ASP B 3 20.25 -0.12 4.17
CA ASP B 3 20.31 -0.47 2.76
C ASP B 3 19.15 -1.35 2.31
N PHE B 4 19.18 -1.72 1.04
CA PHE B 4 18.15 -2.57 0.44
C PHE B 4 18.81 -3.45 -0.60
N HIS B 5 18.15 -4.57 -0.92
CA HIS B 5 18.72 -5.50 -1.88
C HIS B 5 17.92 -5.88 -3.12
N ARG B 6 17.12 -4.93 -3.61
CA ARG B 6 16.35 -5.07 -4.84
C ARG B 6 16.55 -3.72 -5.52
N ASP B 7 16.67 -3.70 -6.85
CA ASP B 7 16.90 -2.44 -7.55
C ASP B 7 15.67 -1.60 -7.89
N THR B 8 14.86 -1.30 -6.88
CA THR B 8 13.67 -0.48 -7.03
C THR B 8 13.64 0.42 -5.81
N TRP B 9 13.44 1.72 -6.02
CA TRP B 9 13.45 2.66 -4.92
C TRP B 9 12.76 3.97 -5.29
N ALA B 10 12.32 4.70 -4.28
CA ALA B 10 11.68 5.99 -4.51
C ALA B 10 12.69 7.00 -4.03
N GLU B 11 12.64 8.22 -4.58
CA GLU B 11 13.55 9.26 -4.13
C GLU B 11 12.70 10.43 -3.70
N VAL B 12 13.06 11.02 -2.56
CA VAL B 12 12.34 12.18 -2.06
C VAL B 12 13.29 13.35 -1.87
N ASP B 13 12.99 14.44 -2.57
CA ASP B 13 13.80 15.65 -2.52
C ASP B 13 13.31 16.56 -1.41
N LEU B 14 13.96 16.48 -0.24
CA LEU B 14 13.57 17.32 0.89
C LEU B 14 13.84 18.80 0.62
N ASP B 15 14.64 19.10 -0.40
CA ASP B 15 14.91 20.49 -0.75
C ASP B 15 13.65 21.06 -1.40
N ALA B 16 12.94 20.22 -2.14
CA ALA B 16 11.70 20.63 -2.79
C ALA B 16 10.65 20.85 -1.69
N ILE B 17 10.59 19.90 -0.74
CA ILE B 17 9.67 20.01 0.38
C ILE B 17 9.96 21.36 1.06
N TYR B 18 11.23 21.57 1.39
CA TYR B 18 11.68 22.80 2.04
C TYR B 18 11.28 24.07 1.30
N ASP B 19 11.57 24.12 0.00
CA ASP B 19 11.24 25.28 -0.81
C ASP B 19 9.72 25.55 -0.91
N ASN B 20 8.93 24.49 -1.02
CA ASN B 20 7.48 24.64 -1.12
C ASN B 20 6.91 25.28 0.15
N VAL B 21 7.40 24.82 1.31
CA VAL B 21 6.95 25.34 2.59
C VAL B 21 7.47 26.78 2.81
N GLU B 22 8.78 26.96 2.63
CA GLU B 22 9.40 28.27 2.81
C GLU B 22 8.70 29.29 1.93
N ASN B 23 8.34 28.88 0.72
CA ASN B 23 7.66 29.77 -0.20
C ASN B 23 6.27 30.17 0.31
N LEU B 24 5.64 29.30 1.10
CA LEU B 24 4.33 29.59 1.66
C LEU B 24 4.50 30.53 2.87
N ARG B 25 5.56 30.31 3.64
CA ARG B 25 5.85 31.12 4.82
C ARG B 25 6.03 32.59 4.44
N ARG B 26 6.56 32.82 3.24
CA ARG B 26 6.78 34.18 2.74
C ARG B 26 5.44 34.77 2.31
N LEU B 27 4.57 33.90 1.82
CA LEU B 27 3.24 34.29 1.37
C LEU B 27 2.33 34.65 2.54
N LEU B 28 2.52 33.96 3.67
CA LEU B 28 1.70 34.18 4.86
C LEU B 28 2.37 35.14 5.86
N PRO B 29 1.57 35.77 6.73
CA PRO B 29 2.04 36.72 7.75
C PRO B 29 2.77 36.05 8.92
N ASP B 30 3.67 36.79 9.55
CA ASP B 30 4.47 36.28 10.67
C ASP B 30 3.62 35.67 11.78
N ASP B 31 2.37 36.10 11.87
CA ASP B 31 1.45 35.60 12.90
C ASP B 31 0.92 34.20 12.58
N THR B 32 0.67 33.95 11.29
CA THR B 32 0.12 32.69 10.82
C THR B 32 1.04 31.48 10.92
N HIS B 33 0.55 30.45 11.61
CA HIS B 33 1.31 29.22 11.78
C HIS B 33 1.09 28.35 10.55
N ILE B 34 2.05 27.49 10.27
CA ILE B 34 1.93 26.58 9.15
C ILE B 34 1.90 25.19 9.78
N MET B 35 0.79 24.47 9.57
CA MET B 35 0.67 23.11 10.10
C MET B 35 0.87 22.15 8.93
N ALA B 36 2.03 21.50 8.93
CA ALA B 36 2.35 20.55 7.89
C ALA B 36 1.55 19.26 8.05
N VAL B 37 0.72 18.95 7.07
CA VAL B 37 -0.08 17.73 7.12
C VAL B 37 0.78 16.56 6.64
N VAL B 38 1.17 15.72 7.58
CA VAL B 38 2.04 14.58 7.28
C VAL B 38 1.43 13.21 7.54
N LYS B 39 0.11 13.12 7.45
CA LYS B 39 -0.57 11.83 7.65
C LYS B 39 -0.23 10.91 6.48
N ALA B 40 -0.51 9.63 6.65
CA ALA B 40 -0.25 8.61 5.63
C ALA B 40 1.25 8.56 5.31
N ASN B 41 2.07 8.60 6.35
CA ASN B 41 3.53 8.60 6.19
C ASN B 41 3.92 9.73 5.24
N ALA B 42 3.40 10.93 5.52
CA ALA B 42 3.65 12.12 4.71
C ALA B 42 3.27 11.85 3.26
N TYR B 43 2.02 11.40 3.07
CA TYR B 43 1.51 11.09 1.73
C TYR B 43 2.49 10.19 0.98
N GLY B 44 3.04 9.22 1.68
CA GLY B 44 3.99 8.29 1.07
C GLY B 44 5.40 8.84 0.90
N HIS B 45 5.69 10.01 1.47
CA HIS B 45 7.01 10.62 1.35
C HIS B 45 7.94 10.39 2.55
N GLY B 46 7.41 9.92 3.67
CA GLY B 46 8.22 9.70 4.86
C GLY B 46 7.84 10.71 5.93
N ASP B 47 7.24 10.24 7.02
CA ASP B 47 6.79 11.14 8.07
C ASP B 47 7.86 11.91 8.84
N VAL B 48 8.87 11.23 9.36
CA VAL B 48 9.92 11.93 10.11
C VAL B 48 10.66 12.91 9.24
N GLN B 49 11.22 12.38 8.16
CA GLN B 49 11.99 13.18 7.22
C GLN B 49 11.27 14.43 6.75
N VAL B 50 10.00 14.29 6.38
CA VAL B 50 9.23 15.45 5.91
C VAL B 50 8.87 16.39 7.05
N ALA B 51 8.57 15.82 8.21
CA ALA B 51 8.21 16.62 9.38
C ALA B 51 9.39 17.50 9.80
N ARG B 52 10.58 16.91 9.89
CA ARG B 52 11.78 17.65 10.27
C ARG B 52 12.01 18.81 9.30
N THR B 53 12.12 18.47 8.02
CA THR B 53 12.35 19.45 6.96
C THR B 53 11.33 20.58 6.98
N ALA B 54 10.06 20.24 7.08
CA ALA B 54 9.01 21.24 7.11
C ALA B 54 9.21 22.24 8.24
N LEU B 55 9.50 21.73 9.43
CA LEU B 55 9.72 22.60 10.58
C LEU B 55 10.90 23.53 10.31
N GLU B 56 11.98 22.98 9.77
CA GLU B 56 13.17 23.77 9.46
C GLU B 56 12.82 24.89 8.49
N ALA B 57 11.93 24.59 7.55
CA ALA B 57 11.53 25.54 6.53
C ALA B 57 10.53 26.61 6.94
N GLY B 58 9.90 26.45 8.11
CA GLY B 58 8.94 27.45 8.55
C GLY B 58 7.64 26.95 9.17
N ALA B 59 7.47 25.63 9.26
CA ALA B 59 6.25 25.09 9.86
C ALA B 59 6.43 25.07 11.37
N SER B 60 5.35 25.34 12.12
CA SER B 60 5.43 25.34 13.57
C SER B 60 4.69 24.15 14.17
N ARG B 61 3.85 23.50 13.37
CA ARG B 61 3.08 22.35 13.84
C ARG B 61 2.99 21.22 12.81
N LEU B 62 2.44 20.09 13.26
CA LEU B 62 2.25 18.90 12.42
C LEU B 62 0.84 18.34 12.63
N ALA B 63 0.33 17.63 11.63
CA ALA B 63 -1.01 17.02 11.72
C ALA B 63 -1.00 15.60 11.14
N VAL B 64 -1.71 14.68 11.81
CA VAL B 64 -1.79 13.30 11.34
C VAL B 64 -3.25 12.87 11.26
N ALA B 65 -3.49 11.65 10.79
CA ALA B 65 -4.84 11.14 10.63
C ALA B 65 -5.42 10.55 11.90
N PHE B 66 -4.62 9.72 12.58
CA PHE B 66 -5.07 9.08 13.81
C PHE B 66 -3.95 8.92 14.83
N LEU B 67 -4.32 8.62 16.06
CA LEU B 67 -3.36 8.49 17.15
C LEU B 67 -2.07 7.72 16.87
N ASP B 68 -2.16 6.52 16.30
CA ASP B 68 -0.96 5.73 16.02
C ASP B 68 0.09 6.49 15.21
N GLU B 69 -0.38 7.32 14.27
CA GLU B 69 0.53 8.10 13.44
C GLU B 69 1.25 9.17 14.25
N ALA B 70 0.55 9.74 15.23
CA ALA B 70 1.14 10.78 16.09
C ALA B 70 2.14 10.13 17.06
N LEU B 71 1.80 8.96 17.57
CA LEU B 71 2.66 8.25 18.49
C LEU B 71 3.94 7.78 17.81
N ALA B 72 3.84 7.37 16.55
CA ALA B 72 5.00 6.90 15.80
C ALA B 72 5.99 8.03 15.56
N LEU B 73 5.48 9.24 15.40
CA LEU B 73 6.31 10.42 15.17
C LEU B 73 7.08 10.73 16.45
N ARG B 74 6.38 10.71 17.57
CA ARG B 74 6.98 10.97 18.87
C ARG B 74 8.10 9.98 19.15
N GLU B 75 7.83 8.72 18.87
CA GLU B 75 8.79 7.66 19.10
C GLU B 75 10.02 7.83 18.22
N LYS B 76 9.81 8.46 17.06
CA LYS B 76 10.91 8.69 16.12
C LYS B 76 11.68 9.95 16.47
N GLY B 77 11.34 10.58 17.58
CA GLY B 77 12.05 11.76 17.99
C GLY B 77 11.39 13.12 17.80
N ILE B 78 10.34 13.18 16.99
CA ILE B 78 9.68 14.46 16.78
C ILE B 78 9.07 14.93 18.10
N GLU B 79 9.45 16.13 18.52
CA GLU B 79 8.94 16.69 19.78
C GLU B 79 8.08 17.92 19.54
N ALA B 80 7.75 18.18 18.29
CA ALA B 80 6.92 19.34 17.93
C ALA B 80 5.43 19.00 18.12
N PRO B 81 4.57 20.03 18.18
CA PRO B 81 3.12 19.84 18.35
C PRO B 81 2.47 19.02 17.22
N ILE B 82 1.57 18.12 17.60
CA ILE B 82 0.88 17.27 16.64
C ILE B 82 -0.62 17.25 16.92
N LEU B 83 -1.42 17.45 15.87
CA LEU B 83 -2.87 17.41 16.02
C LEU B 83 -3.43 16.23 15.22
N VAL B 84 -4.25 15.41 15.88
CA VAL B 84 -4.87 14.27 15.22
C VAL B 84 -6.12 14.82 14.56
N LEU B 85 -6.18 14.71 13.24
CA LEU B 85 -7.30 15.23 12.45
C LEU B 85 -8.58 14.39 12.51
N GLY B 86 -8.43 13.09 12.73
CA GLY B 86 -9.60 12.22 12.79
C GLY B 86 -10.11 11.90 14.17
N ALA B 87 -10.88 10.82 14.25
CA ALA B 87 -11.46 10.40 15.52
C ALA B 87 -10.48 9.60 16.38
N SER B 88 -10.84 9.42 17.64
CA SER B 88 -10.04 8.66 18.59
C SER B 88 -10.96 8.14 19.69
N ARG B 89 -10.43 7.25 20.53
CA ARG B 89 -11.20 6.67 21.62
C ARG B 89 -11.08 7.48 22.92
N PRO B 90 -12.22 7.82 23.55
CA PRO B 90 -12.21 8.58 24.80
C PRO B 90 -11.26 7.93 25.83
N ALA B 91 -11.12 6.61 25.75
CA ALA B 91 -10.26 5.87 26.66
C ALA B 91 -8.77 6.11 26.40
N ASP B 92 -8.44 6.65 25.22
CA ASP B 92 -7.05 6.93 24.87
C ASP B 92 -6.68 8.39 25.14
N ALA B 93 -7.58 9.15 25.75
CA ALA B 93 -7.34 10.56 26.06
C ALA B 93 -6.14 10.79 26.97
N ALA B 94 -5.92 9.89 27.93
CA ALA B 94 -4.79 10.04 28.85
C ALA B 94 -3.46 9.78 28.15
N LEU B 95 -3.48 8.87 27.18
CA LEU B 95 -2.27 8.55 26.42
C LEU B 95 -1.89 9.74 25.53
N ALA B 96 -2.89 10.35 24.90
CA ALA B 96 -2.65 11.50 24.02
C ALA B 96 -2.15 12.67 24.86
N ALA B 97 -2.74 12.86 26.04
CA ALA B 97 -2.35 13.95 26.93
C ALA B 97 -0.90 13.79 27.40
N GLN B 98 -0.54 12.55 27.75
CA GLN B 98 0.81 12.27 28.21
C GLN B 98 1.83 12.47 27.11
N GLN B 99 1.44 12.20 25.87
CA GLN B 99 2.33 12.35 24.72
C GLN B 99 2.26 13.74 24.10
N ARG B 100 1.50 14.63 24.74
CA ARG B 100 1.34 15.99 24.26
C ARG B 100 0.77 16.01 22.85
N ILE B 101 -0.20 15.13 22.60
CA ILE B 101 -0.84 15.06 21.30
C ILE B 101 -2.24 15.64 21.40
N ALA B 102 -2.53 16.65 20.57
CA ALA B 102 -3.84 17.30 20.57
C ALA B 102 -4.85 16.45 19.80
N LEU B 103 -6.11 16.46 20.26
CA LEU B 103 -7.16 15.68 19.61
C LEU B 103 -8.31 16.51 19.05
N THR B 104 -8.88 16.03 17.95
CA THR B 104 -10.01 16.69 17.31
C THR B 104 -11.26 16.15 18.01
N VAL B 105 -12.21 17.03 18.29
CA VAL B 105 -13.43 16.62 18.97
C VAL B 105 -14.63 17.27 18.28
N PHE B 106 -15.76 16.56 18.24
CA PHE B 106 -16.97 17.07 17.58
C PHE B 106 -18.26 16.51 18.17
N ARG B 107 -18.16 15.75 19.27
CA ARG B 107 -19.33 15.16 19.92
C ARG B 107 -19.27 15.32 21.44
N SER B 108 -20.35 15.84 22.04
CA SER B 108 -20.40 16.04 23.48
C SER B 108 -20.35 14.72 24.25
N ASP B 109 -20.93 13.68 23.65
CA ASP B 109 -20.94 12.36 24.29
C ASP B 109 -19.51 11.81 24.41
N TRP B 110 -18.63 12.22 23.51
CA TRP B 110 -17.23 11.78 23.54
C TRP B 110 -16.60 12.40 24.79
N LEU B 111 -16.89 13.67 25.02
CA LEU B 111 -16.36 14.41 26.16
C LEU B 111 -16.87 13.85 27.48
N GLU B 112 -18.15 13.49 27.52
CA GLU B 112 -18.74 12.93 28.72
C GLU B 112 -18.01 11.65 29.09
N GLU B 113 -17.65 10.88 28.07
CA GLU B 113 -16.94 9.63 28.28
C GLU B 113 -15.51 9.87 28.73
N ALA B 114 -14.83 10.77 28.02
CA ALA B 114 -13.45 11.09 28.34
C ALA B 114 -13.32 11.68 29.75
N SER B 115 -14.28 12.52 30.12
CA SER B 115 -14.27 13.16 31.44
C SER B 115 -14.34 12.14 32.56
N ALA B 116 -15.22 11.15 32.38
CA ALA B 116 -15.40 10.11 33.39
C ALA B 116 -14.18 9.21 33.46
N LEU B 117 -13.32 9.30 32.45
CA LEU B 117 -12.12 8.46 32.41
C LEU B 117 -10.80 9.18 32.66
N TYR B 118 -10.81 10.51 32.62
CA TYR B 118 -9.59 11.29 32.84
C TYR B 118 -9.73 12.40 33.88
N SER B 119 -8.69 12.55 34.70
CA SER B 119 -8.67 13.58 35.73
C SER B 119 -7.27 14.15 35.96
N GLY B 120 -6.44 14.13 34.92
CA GLY B 120 -5.10 14.66 35.05
C GLY B 120 -4.02 13.60 34.96
N PRO B 121 -2.74 13.96 35.20
CA PRO B 121 -2.25 15.31 35.55
C PRO B 121 -2.00 16.22 34.35
N PHE B 122 -1.78 15.62 33.18
CA PHE B 122 -1.52 16.38 31.95
C PHE B 122 -2.76 17.02 31.35
N PRO B 123 -2.65 18.28 30.90
CA PRO B 123 -3.85 18.87 30.30
C PRO B 123 -3.97 18.23 28.92
N ILE B 124 -5.15 18.31 28.32
CA ILE B 124 -5.33 17.74 26.99
C ILE B 124 -5.91 18.83 26.11
N HIS B 125 -5.21 19.15 25.03
CA HIS B 125 -5.66 20.19 24.12
C HIS B 125 -6.59 19.65 23.06
N PHE B 126 -7.75 20.29 22.93
CA PHE B 126 -8.76 19.88 21.97
C PHE B 126 -8.96 20.92 20.87
N HIS B 127 -9.27 20.40 19.68
CA HIS B 127 -9.56 21.25 18.54
C HIS B 127 -10.95 20.83 18.10
N LEU B 128 -11.92 21.72 18.27
CA LEU B 128 -13.30 21.44 17.91
C LEU B 128 -13.49 21.54 16.41
N LYS B 129 -13.94 20.44 15.80
CA LYS B 129 -14.18 20.41 14.37
C LYS B 129 -15.62 20.80 14.09
N MET B 130 -15.79 21.74 13.16
CA MET B 130 -17.11 22.21 12.76
C MET B 130 -17.35 21.80 11.32
N ASP B 131 -18.50 21.15 11.06
CA ASP B 131 -18.86 20.70 9.71
C ASP B 131 -19.62 21.85 9.05
N THR B 132 -19.01 22.45 8.02
CA THR B 132 -19.62 23.57 7.30
C THR B 132 -20.02 23.21 5.87
N GLY B 133 -19.92 21.92 5.53
CA GLY B 133 -20.29 21.50 4.20
C GLY B 133 -19.49 20.34 3.61
N MET B 134 -18.58 19.76 4.38
CA MET B 134 -17.79 18.63 3.88
C MET B 134 -18.50 17.30 4.18
N GLY B 135 -19.40 17.35 5.16
CA GLY B 135 -20.19 16.17 5.53
C GLY B 135 -19.43 14.99 6.09
N ARG B 136 -18.20 15.21 6.53
CA ARG B 136 -17.37 14.14 7.08
C ARG B 136 -17.45 14.14 8.62
N LEU B 137 -16.70 15.04 9.25
CA LEU B 137 -16.69 15.13 10.72
C LEU B 137 -17.04 16.56 11.15
N GLY B 138 -17.32 16.72 12.44
CA GLY B 138 -17.63 18.05 12.94
C GLY B 138 -19.02 18.25 13.49
N VAL B 139 -19.13 19.17 14.45
CA VAL B 139 -20.41 19.50 15.08
C VAL B 139 -21.22 20.34 14.08
N LYS B 140 -22.55 20.34 14.20
CA LYS B 140 -23.37 21.10 13.26
C LYS B 140 -24.44 22.02 13.85
N ASP B 141 -24.74 21.88 15.13
CA ASP B 141 -25.74 22.75 15.75
C ASP B 141 -25.17 23.51 16.95
N GLU B 142 -25.87 24.58 17.33
CA GLU B 142 -25.44 25.44 18.43
C GLU B 142 -25.44 24.79 19.81
N GLU B 143 -26.54 24.13 20.15
CA GLU B 143 -26.67 23.47 21.44
C GLU B 143 -25.51 22.51 21.69
N GLU B 144 -25.23 21.67 20.70
CA GLU B 144 -24.14 20.71 20.82
C GLU B 144 -22.81 21.44 20.94
N THR B 145 -22.66 22.54 20.20
CA THR B 145 -21.42 23.32 20.24
C THR B 145 -21.19 23.92 21.63
N LYS B 146 -22.26 24.44 22.24
CA LYS B 146 -22.15 25.01 23.57
C LYS B 146 -21.97 23.92 24.63
N ARG B 147 -22.62 22.78 24.42
CA ARG B 147 -22.51 21.66 25.36
C ARG B 147 -21.08 21.15 25.36
N ILE B 148 -20.47 21.09 24.18
CA ILE B 148 -19.10 20.62 24.05
C ILE B 148 -18.16 21.60 24.77
N VAL B 149 -18.33 22.88 24.49
CA VAL B 149 -17.50 23.92 25.09
C VAL B 149 -17.63 23.96 26.62
N ALA B 150 -18.85 23.82 27.11
CA ALA B 150 -19.12 23.83 28.55
C ALA B 150 -18.47 22.64 29.25
N LEU B 151 -18.39 21.52 28.53
CA LEU B 151 -17.79 20.31 29.08
C LEU B 151 -16.28 20.48 29.15
N ILE B 152 -15.72 21.17 28.16
CA ILE B 152 -14.28 21.41 28.10
C ILE B 152 -13.83 22.44 29.14
N GLU B 153 -14.53 23.56 29.22
CA GLU B 153 -14.18 24.60 30.17
C GLU B 153 -14.35 24.12 31.61
N ARG B 154 -15.30 23.21 31.81
CA ARG B 154 -15.58 22.67 33.15
C ARG B 154 -14.49 21.72 33.69
N HIS B 155 -13.80 21.02 32.80
CA HIS B 155 -12.77 20.08 33.21
C HIS B 155 -11.39 20.74 33.46
N PRO B 156 -10.82 20.53 34.65
CA PRO B 156 -9.52 21.11 35.00
C PRO B 156 -8.37 20.79 34.03
N HIS B 157 -8.46 19.66 33.35
CA HIS B 157 -7.41 19.25 32.42
C HIS B 157 -7.77 19.29 30.94
N PHE B 158 -8.95 19.82 30.64
CA PHE B 158 -9.41 19.93 29.25
C PHE B 158 -9.20 21.37 28.79
N VAL B 159 -8.55 21.53 27.65
CA VAL B 159 -8.31 22.86 27.11
C VAL B 159 -8.75 22.92 25.65
N LEU B 160 -9.53 23.94 25.31
CA LEU B 160 -9.99 24.14 23.93
C LEU B 160 -9.00 25.07 23.22
N GLU B 161 -7.91 24.46 22.73
CA GLU B 161 -6.85 25.16 22.04
C GLU B 161 -7.27 25.76 20.69
N GLY B 162 -8.11 25.04 19.95
CA GLY B 162 -8.52 25.57 18.67
C GLY B 162 -9.84 25.04 18.15
N LEU B 163 -10.23 25.54 16.99
CA LEU B 163 -11.48 25.13 16.35
C LEU B 163 -11.28 25.33 14.86
N TYR B 164 -11.81 24.43 14.04
CA TYR B 164 -11.64 24.52 12.60
C TYR B 164 -12.70 23.83 11.76
N THR B 165 -12.61 24.07 10.46
CA THR B 165 -13.50 23.44 9.47
C THR B 165 -12.63 23.03 8.28
N HIS B 166 -13.22 22.29 7.35
CA HIS B 166 -12.47 21.84 6.17
C HIS B 166 -13.32 22.01 4.92
N PHE B 167 -12.70 22.52 3.87
CA PHE B 167 -13.37 22.79 2.59
C PHE B 167 -13.44 21.60 1.63
N ALA B 168 -14.57 21.48 0.96
CA ALA B 168 -14.80 20.40 0.00
C ALA B 168 -14.50 20.77 -1.46
N THR B 169 -14.52 22.07 -1.75
CA THR B 169 -14.29 22.53 -3.12
C THR B 169 -13.31 23.69 -3.26
N ALA B 170 -12.29 23.72 -2.41
CA ALA B 170 -11.31 24.81 -2.45
C ALA B 170 -10.37 24.74 -3.67
N ASP B 171 -10.45 23.66 -4.42
CA ASP B 171 -9.60 23.48 -5.61
C ASP B 171 -10.37 23.70 -6.92
N GLU B 172 -11.63 24.12 -6.79
CA GLU B 172 -12.48 24.38 -7.94
C GLU B 172 -12.49 25.85 -8.33
N VAL B 173 -12.28 26.14 -9.61
CA VAL B 173 -12.28 27.52 -10.09
C VAL B 173 -13.51 28.27 -9.60
N ASN B 174 -14.67 27.63 -9.68
CA ASN B 174 -15.91 28.24 -9.20
C ASN B 174 -15.87 28.19 -7.68
N THR B 175 -16.00 29.35 -7.05
CA THR B 175 -15.90 29.44 -5.60
C THR B 175 -17.20 29.59 -4.81
N ASP B 176 -18.33 29.23 -5.42
CA ASP B 176 -19.61 29.37 -4.74
C ASP B 176 -19.82 28.50 -3.49
N TYR B 177 -19.44 27.21 -3.56
CA TYR B 177 -19.62 26.36 -2.39
C TYR B 177 -18.53 26.67 -1.37
N PHE B 178 -17.37 27.09 -1.85
CA PHE B 178 -16.27 27.43 -0.97
C PHE B 178 -16.75 28.63 -0.15
N SER B 179 -17.44 29.54 -0.83
CA SER B 179 -17.96 30.75 -0.21
C SER B 179 -19.00 30.43 0.86
N TYR B 180 -19.99 29.61 0.50
CA TYR B 180 -21.04 29.23 1.45
C TYR B 180 -20.40 28.66 2.71
N GLN B 181 -19.39 27.81 2.51
CA GLN B 181 -18.69 27.18 3.62
C GLN B 181 -17.94 28.20 4.48
N TYR B 182 -17.22 29.12 3.84
CA TYR B 182 -16.46 30.12 4.57
C TYR B 182 -17.38 31.02 5.40
N THR B 183 -18.56 31.27 4.85
CA THR B 183 -19.54 32.10 5.52
C THR B 183 -20.28 31.34 6.63
N ARG B 184 -20.46 30.04 6.45
CA ARG B 184 -21.12 29.22 7.47
C ARG B 184 -20.20 29.13 8.68
N PHE B 185 -18.91 29.07 8.41
CA PHE B 185 -17.90 28.96 9.45
C PHE B 185 -17.96 30.20 10.33
N LEU B 186 -17.94 31.36 9.69
CA LEU B 186 -17.98 32.63 10.42
C LEU B 186 -19.23 32.71 11.28
N HIS B 187 -20.32 32.12 10.80
CA HIS B 187 -21.57 32.13 11.54
C HIS B 187 -21.50 31.22 12.76
N MET B 188 -21.03 30.00 12.57
CA MET B 188 -20.92 29.03 13.65
C MET B 188 -19.87 29.43 14.70
N LEU B 189 -18.93 30.27 14.32
CA LEU B 189 -17.88 30.71 15.24
C LEU B 189 -18.49 31.59 16.31
N GLU B 190 -19.62 32.21 15.99
CA GLU B 190 -20.32 33.11 16.91
C GLU B 190 -21.12 32.35 17.96
N TRP B 191 -20.96 31.03 18.01
CA TRP B 191 -21.68 30.20 18.99
C TRP B 191 -20.80 29.98 20.20
N LEU B 192 -19.53 30.35 20.06
CA LEU B 192 -18.57 30.18 21.13
C LEU B 192 -18.48 31.41 22.03
N PRO B 193 -18.38 31.20 23.35
CA PRO B 193 -18.29 32.30 24.31
C PRO B 193 -16.93 32.98 24.16
N SER B 194 -15.87 32.20 24.34
CA SER B 194 -14.50 32.71 24.20
C SER B 194 -13.85 32.02 23.01
N ARG B 195 -13.27 32.82 22.12
CA ARG B 195 -12.60 32.28 20.95
C ARG B 195 -11.29 31.61 21.37
N PRO B 196 -11.00 30.42 20.80
CA PRO B 196 -9.75 29.75 21.17
C PRO B 196 -8.54 30.33 20.44
N PRO B 197 -7.35 30.14 21.00
CA PRO B 197 -6.13 30.66 20.39
C PRO B 197 -6.04 30.38 18.88
N LEU B 198 -6.18 29.11 18.50
CA LEU B 198 -6.08 28.71 17.10
C LEU B 198 -7.40 28.47 16.36
N VAL B 199 -7.63 29.27 15.34
CA VAL B 199 -8.83 29.16 14.50
C VAL B 199 -8.28 28.95 13.08
N HIS B 200 -8.58 27.81 12.48
CA HIS B 200 -8.09 27.51 11.14
C HIS B 200 -9.14 26.91 10.20
N CYS B 201 -8.86 26.92 8.90
CA CYS B 201 -9.81 26.39 7.92
C CYS B 201 -9.25 26.05 6.53
N ALA B 202 -8.11 26.62 6.17
CA ALA B 202 -7.53 26.39 4.85
C ALA B 202 -6.54 25.24 4.66
N ASN B 203 -6.67 24.55 3.53
CA ASN B 203 -5.78 23.45 3.14
C ASN B 203 -4.81 24.06 2.12
N SER B 204 -4.16 23.23 1.30
CA SER B 204 -3.22 23.76 0.30
C SER B 204 -3.91 24.78 -0.61
N ALA B 205 -4.98 24.36 -1.27
CA ALA B 205 -5.71 25.22 -2.20
C ALA B 205 -6.18 26.56 -1.65
N ALA B 206 -6.99 26.51 -0.60
CA ALA B 206 -7.53 27.72 0.00
C ALA B 206 -6.44 28.68 0.51
N SER B 207 -5.39 28.13 1.09
CA SER B 207 -4.31 28.96 1.63
C SER B 207 -3.43 29.60 0.55
N LEU B 208 -3.22 28.91 -0.57
CA LEU B 208 -2.40 29.45 -1.65
C LEU B 208 -3.23 30.42 -2.49
N ARG B 209 -4.55 30.20 -2.51
CA ARG B 209 -5.45 31.04 -3.26
C ARG B 209 -5.82 32.32 -2.52
N PHE B 210 -6.32 32.16 -1.29
CA PHE B 210 -6.72 33.30 -0.46
C PHE B 210 -6.01 33.21 0.89
N PRO B 211 -4.70 33.50 0.91
CA PRO B 211 -3.89 33.44 2.12
C PRO B 211 -4.24 34.56 3.09
N ASP B 212 -5.04 35.51 2.62
CA ASP B 212 -5.48 36.64 3.41
C ASP B 212 -6.64 36.21 4.32
N ARG B 213 -7.29 35.12 3.97
CA ARG B 213 -8.41 34.59 4.74
C ARG B 213 -8.03 33.21 5.32
N THR B 214 -6.98 33.19 6.13
CA THR B 214 -6.50 31.94 6.73
C THR B 214 -6.49 31.95 8.26
N PHE B 215 -7.03 33.01 8.86
CA PHE B 215 -7.10 33.12 10.31
C PHE B 215 -5.73 32.91 10.99
N ASN B 216 -5.69 32.14 12.07
CA ASN B 216 -4.45 31.91 12.82
C ASN B 216 -3.53 30.79 12.33
N MET B 217 -4.09 29.79 11.65
CA MET B 217 -3.27 28.67 11.19
C MET B 217 -3.67 28.13 9.82
N VAL B 218 -2.73 27.47 9.17
CA VAL B 218 -2.93 26.89 7.85
C VAL B 218 -2.49 25.44 7.88
N ARG B 219 -3.31 24.55 7.31
CA ARG B 219 -2.98 23.14 7.26
C ARG B 219 -2.52 22.82 5.84
N PHE B 220 -1.19 22.85 5.66
CA PHE B 220 -0.51 22.64 4.39
C PHE B 220 -0.22 21.18 4.07
N GLY B 221 -0.90 20.64 3.06
CA GLY B 221 -0.68 19.25 2.69
C GLY B 221 -0.08 19.00 1.31
N ILE B 222 -0.94 18.65 0.36
CA ILE B 222 -0.53 18.33 -1.02
C ILE B 222 0.50 19.25 -1.67
N ALA B 223 0.31 20.56 -1.57
CA ALA B 223 1.25 21.52 -2.18
C ALA B 223 2.66 21.48 -1.56
N MET B 224 2.77 20.99 -0.32
CA MET B 224 4.07 20.89 0.33
C MET B 224 4.90 19.83 -0.39
N TYR B 225 4.20 18.84 -0.93
CA TYR B 225 4.85 17.74 -1.65
C TYR B 225 5.14 18.14 -3.09
N GLY B 226 4.73 19.35 -3.47
CA GLY B 226 4.96 19.85 -4.81
C GLY B 226 3.90 19.43 -5.81
N LEU B 227 2.74 19.00 -5.32
CA LEU B 227 1.65 18.55 -6.17
C LEU B 227 0.45 19.49 -6.12
N ALA B 228 -0.09 19.80 -7.29
CA ALA B 228 -1.22 20.70 -7.42
C ALA B 228 -2.49 20.07 -6.87
N PRO B 229 -3.24 20.84 -6.06
CA PRO B 229 -4.49 20.33 -5.48
C PRO B 229 -5.43 19.80 -6.55
N SER B 230 -5.35 20.37 -7.74
CA SER B 230 -6.19 19.98 -8.85
C SER B 230 -5.63 20.55 -10.14
N PRO B 231 -5.97 19.94 -11.29
CA PRO B 231 -5.49 20.43 -12.57
C PRO B 231 -6.05 21.81 -12.89
N GLY B 232 -7.30 22.04 -12.51
CA GLY B 232 -7.94 23.31 -12.78
C GLY B 232 -7.49 24.50 -11.95
N ILE B 233 -6.73 24.26 -10.89
CA ILE B 233 -6.26 25.35 -10.03
C ILE B 233 -4.82 25.76 -10.36
N LYS B 234 -4.13 24.90 -11.09
CA LYS B 234 -2.74 25.14 -11.49
C LYS B 234 -2.41 26.58 -11.89
N PRO B 235 -3.24 27.17 -12.78
CA PRO B 235 -2.96 28.55 -13.19
C PRO B 235 -3.36 29.61 -12.16
N LEU B 236 -3.77 29.16 -10.99
CA LEU B 236 -4.18 30.08 -9.91
C LEU B 236 -3.16 30.02 -8.77
N LEU B 237 -2.20 29.12 -8.88
CA LEU B 237 -1.17 28.96 -7.85
C LEU B 237 -0.25 30.17 -7.86
N PRO B 238 0.03 30.75 -6.69
CA PRO B 238 0.90 31.92 -6.58
C PRO B 238 2.35 31.71 -7.02
N TYR B 239 2.90 30.54 -6.71
CA TYR B 239 4.27 30.22 -7.09
C TYR B 239 4.43 28.79 -7.58
N PRO B 240 5.48 28.53 -8.36
CA PRO B 240 5.71 27.18 -8.88
C PRO B 240 6.07 26.19 -7.77
N LEU B 241 5.41 25.04 -7.79
CA LEU B 241 5.67 24.00 -6.80
C LEU B 241 6.71 23.02 -7.33
N LYS B 242 7.61 22.58 -6.46
CA LYS B 242 8.65 21.64 -6.84
C LYS B 242 8.28 20.21 -6.44
N GLU B 243 8.05 19.35 -7.43
CA GLU B 243 7.68 17.97 -7.18
C GLU B 243 8.79 17.23 -6.44
N ALA B 244 8.46 16.68 -5.27
CA ALA B 244 9.43 16.00 -4.42
C ALA B 244 9.63 14.50 -4.58
N PHE B 245 8.68 13.84 -5.24
CA PHE B 245 8.71 12.39 -5.39
C PHE B 245 9.05 11.84 -6.79
N SER B 246 9.94 10.86 -6.82
CA SER B 246 10.33 10.18 -8.06
C SER B 246 10.46 8.68 -7.73
N LEU B 247 10.29 7.84 -8.75
CA LEU B 247 10.35 6.38 -8.58
C LEU B 247 11.17 5.72 -9.68
N HIS B 248 12.09 4.84 -9.30
CA HIS B 248 12.95 4.20 -10.28
C HIS B 248 13.16 2.72 -10.05
N SER B 249 13.70 2.06 -11.07
CA SER B 249 13.99 0.65 -11.01
C SER B 249 15.12 0.42 -12.01
N ARG B 250 15.45 -0.84 -12.25
CA ARG B 250 16.51 -1.20 -13.18
C ARG B 250 16.11 -2.45 -13.93
N LEU B 251 16.67 -2.65 -15.10
CA LEU B 251 16.40 -3.85 -15.85
C LEU B 251 17.17 -4.96 -15.16
N VAL B 252 16.53 -6.12 -14.96
CA VAL B 252 17.19 -7.27 -14.33
C VAL B 252 17.23 -8.43 -15.31
N HIS B 253 16.59 -8.23 -16.47
CA HIS B 253 16.60 -9.22 -17.55
C HIS B 253 16.19 -8.55 -18.86
N VAL B 254 16.85 -8.98 -19.94
CA VAL B 254 16.60 -8.47 -21.28
C VAL B 254 16.64 -9.64 -22.22
N LYS B 255 15.73 -9.69 -23.18
CA LYS B 255 15.71 -10.79 -24.13
C LYS B 255 14.98 -10.37 -25.39
N LYS B 256 15.27 -11.05 -26.49
CA LYS B 256 14.61 -10.74 -27.76
C LYS B 256 13.53 -11.76 -28.09
N LEU B 257 12.30 -11.29 -28.25
CA LEU B 257 11.20 -12.18 -28.59
C LEU B 257 11.00 -12.23 -30.09
N GLN B 258 10.37 -13.29 -30.57
CA GLN B 258 10.08 -13.44 -31.97
C GLN B 258 8.57 -13.20 -32.10
N PRO B 259 8.11 -12.78 -33.28
CA PRO B 259 6.67 -12.53 -33.44
C PRO B 259 5.88 -13.80 -33.09
N GLY B 260 4.79 -13.61 -32.36
CA GLY B 260 3.98 -14.75 -31.97
C GLY B 260 4.21 -15.17 -30.53
N GLU B 261 5.34 -14.75 -29.96
CA GLU B 261 5.68 -15.09 -28.56
C GLU B 261 4.84 -14.23 -27.62
N LYS B 262 4.30 -14.85 -26.58
CA LYS B 262 3.46 -14.15 -25.63
C LYS B 262 4.14 -13.72 -24.33
N VAL B 263 3.59 -12.69 -23.69
CA VAL B 263 4.14 -12.17 -22.44
C VAL B 263 3.12 -12.05 -21.30
N SER B 264 3.51 -12.59 -20.14
CA SER B 264 2.73 -12.55 -18.91
C SER B 264 1.40 -13.31 -18.86
N TYR B 265 0.69 -13.13 -17.76
CA TYR B 265 -0.58 -13.81 -17.49
C TYR B 265 -1.68 -13.66 -18.52
N GLY B 266 -2.35 -14.77 -18.79
CA GLY B 266 -3.42 -14.78 -19.76
C GLY B 266 -2.92 -14.49 -21.16
N ALA B 267 -1.61 -14.34 -21.30
CA ALA B 267 -1.00 -14.04 -22.60
C ALA B 267 -1.84 -13.00 -23.34
N THR B 268 -2.10 -11.89 -22.67
CA THR B 268 -2.89 -10.81 -23.24
C THR B 268 -2.06 -10.00 -24.23
N TYR B 269 -0.77 -10.31 -24.31
CA TYR B 269 0.14 -9.61 -25.21
C TYR B 269 0.93 -10.55 -26.08
N THR B 270 1.02 -10.21 -27.36
CA THR B 270 1.76 -10.99 -28.34
C THR B 270 2.70 -10.07 -29.12
N ALA B 271 3.95 -10.48 -29.27
CA ALA B 271 4.93 -9.69 -30.01
C ALA B 271 4.55 -9.78 -31.47
N GLN B 272 4.27 -8.63 -32.11
CA GLN B 272 3.90 -8.65 -33.51
C GLN B 272 5.14 -8.70 -34.40
N THR B 273 6.29 -8.35 -33.81
CA THR B 273 7.57 -8.37 -34.53
C THR B 273 8.68 -8.75 -33.55
N GLU B 274 9.85 -9.07 -34.09
CA GLU B 274 10.98 -9.40 -33.25
C GLU B 274 11.26 -8.16 -32.41
N GLU B 275 11.13 -8.28 -31.10
CA GLU B 275 11.35 -7.14 -30.21
C GLU B 275 12.13 -7.48 -28.94
N TRP B 276 12.75 -6.44 -28.36
CA TRP B 276 13.53 -6.61 -27.13
C TRP B 276 12.63 -6.31 -25.95
N ILE B 277 12.59 -7.26 -25.01
CA ILE B 277 11.77 -7.14 -23.82
C ILE B 277 12.61 -7.04 -22.55
N GLY B 278 12.27 -6.08 -21.70
CA GLY B 278 12.97 -5.90 -20.45
C GLY B 278 12.09 -6.22 -19.26
N THR B 279 12.68 -6.82 -18.23
CA THR B 279 11.92 -7.17 -17.03
C THR B 279 12.44 -6.33 -15.85
N ILE B 280 11.54 -5.65 -15.16
CA ILE B 280 11.93 -4.82 -14.03
C ILE B 280 11.32 -5.34 -12.73
N PRO B 281 12.04 -5.22 -11.60
CA PRO B 281 11.56 -5.67 -10.30
C PRO B 281 10.58 -4.77 -9.52
N ILE B 282 9.44 -4.46 -10.14
CA ILE B 282 8.41 -3.67 -9.47
C ILE B 282 7.03 -4.15 -9.96
N GLY B 283 6.07 -4.23 -9.04
CA GLY B 283 4.73 -4.71 -9.39
C GLY B 283 3.64 -4.11 -8.52
N TYR B 284 2.43 -4.64 -8.60
CA TYR B 284 1.32 -4.09 -7.82
C TYR B 284 1.46 -4.16 -6.30
N ALA B 285 2.25 -5.11 -5.79
CA ALA B 285 2.41 -5.20 -4.34
C ALA B 285 3.30 -4.02 -3.90
N ASP B 286 3.81 -3.28 -4.88
CA ASP B 286 4.65 -2.13 -4.62
C ASP B 286 3.86 -0.86 -4.80
N GLY B 287 2.61 -1.01 -5.22
CA GLY B 287 1.77 0.14 -5.46
C GLY B 287 1.66 0.45 -6.95
N TRP B 288 2.40 -0.29 -7.76
CA TRP B 288 2.37 -0.10 -9.22
C TRP B 288 1.24 -1.02 -9.71
N LEU B 289 0.01 -0.55 -9.51
CA LEU B 289 -1.22 -1.29 -9.84
C LEU B 289 -1.29 -1.87 -11.24
N ARG B 290 -2.05 -2.96 -11.38
CA ARG B 290 -2.22 -3.66 -12.64
C ARG B 290 -2.80 -2.78 -13.74
N ARG B 291 -3.55 -1.78 -13.34
CA ARG B 291 -4.19 -0.82 -14.24
C ARG B 291 -3.19 0.01 -15.06
N LEU B 292 -1.90 -0.06 -14.72
CA LEU B 292 -0.90 0.71 -15.45
C LEU B 292 -0.28 -0.05 -16.61
N GLN B 293 -0.87 -1.21 -16.92
CA GLN B 293 -0.39 -2.07 -18.00
C GLN B 293 0.03 -1.38 -19.29
N HIS B 294 -0.76 -0.43 -19.78
CA HIS B 294 -0.39 0.22 -21.05
C HIS B 294 0.33 1.56 -20.91
N PHE B 295 0.82 1.81 -19.70
CA PHE B 295 1.54 3.02 -19.38
C PHE B 295 2.96 2.94 -19.92
N HIS B 296 3.60 4.09 -20.07
CA HIS B 296 4.97 4.16 -20.57
C HIS B 296 5.93 4.57 -19.45
N VAL B 297 7.09 3.94 -19.40
CA VAL B 297 8.10 4.29 -18.42
C VAL B 297 9.24 4.93 -19.23
N LEU B 298 10.26 5.45 -18.54
CA LEU B 298 11.40 6.05 -19.23
C LEU B 298 12.62 5.14 -19.09
N VAL B 299 13.27 4.84 -20.21
CA VAL B 299 14.47 4.01 -20.22
C VAL B 299 15.39 4.52 -21.33
N ASP B 300 16.61 4.85 -20.97
CA ASP B 300 17.56 5.36 -21.96
C ASP B 300 17.01 6.66 -22.57
N GLY B 301 16.33 7.45 -21.74
CA GLY B 301 15.77 8.71 -22.20
C GLY B 301 14.60 8.58 -23.16
N GLN B 302 14.04 7.39 -23.27
CA GLN B 302 12.92 7.16 -24.17
C GLN B 302 11.73 6.47 -23.51
N LYS B 303 10.54 6.72 -24.03
CA LYS B 303 9.32 6.10 -23.50
C LYS B 303 9.24 4.65 -23.97
N ALA B 304 8.94 3.76 -23.02
CA ALA B 304 8.81 2.34 -23.32
C ALA B 304 7.51 1.87 -22.67
N PRO B 305 6.61 1.26 -23.45
CA PRO B 305 5.34 0.79 -22.90
C PRO B 305 5.43 -0.46 -22.05
N ILE B 306 4.57 -0.54 -21.04
CA ILE B 306 4.55 -1.72 -20.17
C ILE B 306 3.75 -2.74 -21.00
N VAL B 307 4.32 -3.91 -21.17
CA VAL B 307 3.73 -4.95 -21.99
C VAL B 307 3.29 -6.18 -21.20
N GLY B 308 2.06 -6.64 -21.42
CA GLY B 308 1.56 -7.80 -20.71
C GLY B 308 1.02 -7.42 -19.35
N ARG B 309 0.42 -8.38 -18.66
CA ARG B 309 -0.15 -8.12 -17.33
C ARG B 309 0.93 -7.75 -16.31
N ILE B 310 0.66 -6.75 -15.49
CA ILE B 310 1.61 -6.36 -14.44
C ILE B 310 1.52 -7.40 -13.31
N CYS B 311 2.66 -7.89 -12.85
CA CYS B 311 2.68 -8.90 -11.79
C CYS B 311 2.84 -8.28 -10.39
N MET B 312 2.78 -9.13 -9.36
CA MET B 312 2.87 -8.66 -7.98
C MET B 312 4.19 -7.96 -7.66
N ASP B 313 5.28 -8.46 -8.22
CA ASP B 313 6.62 -7.91 -7.95
C ASP B 313 7.41 -7.59 -9.21
N GLN B 314 6.86 -7.90 -10.38
CA GLN B 314 7.55 -7.66 -11.65
C GLN B 314 6.61 -7.26 -12.78
N CYS B 315 7.19 -6.72 -13.84
CA CYS B 315 6.46 -6.34 -15.04
C CYS B 315 7.45 -6.21 -16.20
N MET B 316 6.94 -6.30 -17.43
CA MET B 316 7.78 -6.25 -18.62
C MET B 316 7.52 -5.00 -19.48
N ILE B 317 8.56 -4.52 -20.14
CA ILE B 317 8.44 -3.35 -21.01
C ILE B 317 9.08 -3.58 -22.36
N ARG B 318 8.58 -2.91 -23.38
CA ARG B 318 9.14 -3.05 -24.73
C ARG B 318 10.26 -2.02 -24.86
N LEU B 319 11.48 -2.51 -24.99
CA LEU B 319 12.65 -1.65 -25.09
C LEU B 319 12.89 -1.11 -26.49
N PRO B 320 13.54 0.07 -26.57
CA PRO B 320 13.84 0.70 -27.87
C PRO B 320 14.83 -0.17 -28.64
N GLY B 321 15.55 -1.01 -27.90
CA GLY B 321 16.52 -1.90 -28.50
C GLY B 321 17.20 -2.66 -27.38
N PRO B 322 18.27 -3.43 -27.67
CA PRO B 322 18.90 -4.14 -26.55
C PRO B 322 19.64 -3.15 -25.66
N LEU B 323 19.44 -3.29 -24.36
CA LEU B 323 20.10 -2.42 -23.39
C LEU B 323 20.68 -3.37 -22.35
N PRO B 324 21.76 -2.96 -21.67
CA PRO B 324 22.35 -3.87 -20.68
C PRO B 324 21.51 -4.03 -19.42
N VAL B 325 21.65 -5.20 -18.79
CA VAL B 325 20.95 -5.48 -17.54
C VAL B 325 21.53 -4.45 -16.56
N GLY B 326 20.67 -3.77 -15.82
CA GLY B 326 21.15 -2.78 -14.88
C GLY B 326 20.81 -1.38 -15.35
N THR B 327 20.32 -1.27 -16.59
CA THR B 327 19.95 0.02 -17.15
C THR B 327 18.85 0.64 -16.30
N LYS B 328 19.00 1.93 -15.99
CA LYS B 328 18.03 2.64 -15.15
C LYS B 328 16.69 2.93 -15.80
N VAL B 329 15.62 2.58 -15.09
CA VAL B 329 14.27 2.79 -15.54
C VAL B 329 13.60 3.77 -14.59
N THR B 330 12.99 4.82 -15.14
CA THR B 330 12.31 5.83 -14.33
C THR B 330 10.80 5.76 -14.57
N LEU B 331 10.06 5.41 -13.52
CA LEU B 331 8.61 5.29 -13.59
C LEU B 331 7.95 6.64 -13.33
N ILE B 332 8.57 7.44 -12.47
CA ILE B 332 8.11 8.78 -12.16
C ILE B 332 9.38 9.62 -12.00
N GLY B 333 9.54 10.59 -12.88
CA GLY B 333 10.71 11.43 -12.82
C GLY B 333 11.14 11.91 -14.19
N ARG B 334 12.42 12.26 -14.32
CA ARG B 334 12.91 12.75 -15.59
C ARG B 334 14.10 11.96 -16.13
N GLN B 335 14.16 11.86 -17.45
CA GLN B 335 15.24 11.19 -18.13
C GLN B 335 15.41 11.96 -19.43
N GLY B 336 16.53 12.66 -19.54
CA GLY B 336 16.81 13.45 -20.73
C GLY B 336 15.75 14.49 -20.94
N ASP B 337 15.13 14.45 -22.12
CA ASP B 337 14.08 15.38 -22.49
C ASP B 337 12.73 14.90 -21.96
N GLU B 338 12.65 13.63 -21.58
CA GLU B 338 11.40 13.03 -21.11
C GLU B 338 11.16 13.08 -19.61
N VAL B 339 9.90 13.31 -19.24
CA VAL B 339 9.51 13.36 -17.84
C VAL B 339 8.11 12.79 -17.63
N ILE B 340 7.96 12.03 -16.56
CA ILE B 340 6.67 11.45 -16.18
C ILE B 340 6.37 11.98 -14.78
N SER B 341 5.23 12.64 -14.63
CA SER B 341 4.86 13.20 -13.33
C SER B 341 3.86 12.31 -12.63
N ILE B 342 3.67 12.56 -11.34
CA ILE B 342 2.71 11.80 -10.56
C ILE B 342 1.35 12.08 -11.19
N ASP B 343 1.18 13.27 -11.75
CA ASP B 343 -0.09 13.64 -12.38
C ASP B 343 -0.35 12.77 -13.62
N ASP B 344 0.70 12.41 -14.34
CA ASP B 344 0.58 11.55 -15.52
C ASP B 344 0.13 10.16 -15.12
N VAL B 345 0.71 9.65 -14.04
CA VAL B 345 0.38 8.32 -13.51
C VAL B 345 -1.08 8.32 -13.03
N ALA B 346 -1.48 9.38 -12.35
CA ALA B 346 -2.84 9.48 -11.84
C ALA B 346 -3.85 9.57 -12.97
N ARG B 347 -3.47 10.20 -14.08
CA ARG B 347 -4.37 10.33 -15.23
C ARG B 347 -4.63 8.96 -15.83
N HIS B 348 -3.60 8.13 -15.89
CA HIS B 348 -3.72 6.79 -16.43
C HIS B 348 -4.56 5.91 -15.50
N LEU B 349 -4.33 6.05 -14.20
CA LEU B 349 -5.06 5.27 -13.19
C LEU B 349 -6.48 5.77 -12.95
N GLU B 350 -6.83 6.87 -13.59
CA GLU B 350 -8.17 7.46 -13.44
C GLU B 350 -8.43 7.81 -11.98
N THR B 351 -7.47 8.51 -11.36
CA THR B 351 -7.58 8.92 -9.96
C THR B 351 -6.96 10.31 -9.78
N ILE B 352 -6.69 10.71 -8.54
CA ILE B 352 -6.08 12.01 -8.28
C ILE B 352 -4.63 11.81 -7.83
N ASN B 353 -3.78 12.82 -7.99
CA ASN B 353 -2.39 12.66 -7.60
C ASN B 353 -2.22 12.25 -6.14
N TYR B 354 -3.11 12.69 -5.27
CA TYR B 354 -3.05 12.35 -3.85
C TYR B 354 -2.89 10.86 -3.64
N GLU B 355 -3.64 10.07 -4.38
CA GLU B 355 -3.62 8.64 -4.21
C GLU B 355 -2.36 7.88 -4.61
N VAL B 356 -1.65 8.38 -5.61
CA VAL B 356 -0.47 7.71 -6.12
C VAL B 356 0.71 7.44 -5.16
N PRO B 357 1.31 8.49 -4.55
CA PRO B 357 2.42 8.21 -3.64
C PRO B 357 2.02 7.42 -2.39
N CYS B 358 0.75 7.58 -1.99
CA CYS B 358 0.24 6.85 -0.84
C CYS B 358 0.23 5.35 -1.11
N THR B 359 -0.09 4.97 -2.35
CA THR B 359 -0.16 3.55 -2.72
C THR B 359 1.21 2.90 -2.91
N ILE B 360 2.24 3.70 -3.16
CA ILE B 360 3.57 3.12 -3.30
C ILE B 360 3.81 2.57 -1.89
N SER B 361 3.87 1.25 -1.79
CA SER B 361 3.99 0.55 -0.52
C SER B 361 5.27 0.54 0.30
N TYR B 362 5.16 -0.08 1.47
CA TYR B 362 6.23 -0.24 2.45
C TYR B 362 7.43 -0.97 1.87
N ARG B 363 7.20 -1.78 0.83
CA ARG B 363 8.26 -2.55 0.20
C ARG B 363 9.28 -1.67 -0.49
N VAL B 364 8.84 -0.50 -0.93
CA VAL B 364 9.73 0.40 -1.65
C VAL B 364 10.52 1.37 -0.77
N PRO B 365 11.85 1.20 -0.77
CA PRO B 365 12.71 2.09 0.03
C PRO B 365 12.60 3.54 -0.43
N ARG B 366 12.83 4.47 0.49
CA ARG B 366 12.78 5.89 0.17
C ARG B 366 14.20 6.44 0.40
N ILE B 367 14.78 7.05 -0.63
CA ILE B 367 16.12 7.65 -0.52
C ILE B 367 15.90 9.15 -0.42
N PHE B 368 16.39 9.74 0.67
CA PHE B 368 16.20 11.16 0.89
C PHE B 368 17.38 12.04 0.49
N PHE B 369 17.04 13.20 -0.08
CA PHE B 369 18.04 14.17 -0.53
C PHE B 369 17.79 15.51 0.15
N ARG B 370 18.87 16.10 0.63
CA ARG B 370 18.80 17.40 1.29
C ARG B 370 20.11 18.15 1.03
N HIS B 371 19.99 19.35 0.46
CA HIS B 371 21.15 20.17 0.13
C HIS B 371 21.88 19.53 -1.04
N LYS B 372 21.13 18.90 -1.93
CA LYS B 372 21.69 18.26 -3.11
C LYS B 372 22.60 17.08 -2.76
N ARG B 373 22.37 16.46 -1.61
CA ARG B 373 23.17 15.30 -1.20
C ARG B 373 22.29 14.23 -0.56
N ILE B 374 22.71 12.98 -0.64
CA ILE B 374 21.94 11.89 -0.04
C ILE B 374 22.07 11.98 1.48
N MET B 375 20.94 12.07 2.17
CA MET B 375 20.95 12.17 3.62
C MET B 375 20.68 10.83 4.30
N GLU B 376 19.74 10.05 3.77
CA GLU B 376 19.43 8.77 4.37
C GLU B 376 18.57 7.84 3.50
N VAL B 377 18.62 6.55 3.82
CA VAL B 377 17.85 5.55 3.12
C VAL B 377 16.89 4.86 4.10
N ARG B 378 15.60 4.85 3.76
CA ARG B 378 14.60 4.22 4.61
C ARG B 378 14.00 2.96 3.95
N ASN B 379 14.35 1.80 4.49
CA ASN B 379 13.84 0.53 3.99
C ASN B 379 12.97 -0.06 5.10
N ALA B 380 11.65 0.16 4.98
CA ALA B 380 10.68 -0.32 5.95
C ALA B 380 10.83 -1.79 6.37
N ILE B 381 11.42 -2.61 5.52
CA ILE B 381 11.63 -4.02 5.85
C ILE B 381 13.11 -4.37 5.87
C1 IN5 C . 4.67 -19.67 -7.43
C2 IN5 C . 6.16 -18.25 -8.74
C3 IN5 C . 5.22 -17.19 -8.67
O4 IN5 C . -0.42 -20.05 -6.24
O5 IN5 C . -1.10 -18.45 -8.18
C7 IN5 C . 2.45 -18.93 -6.60
C8 IN5 C . 3.00 -16.29 -7.88
C9 IN5 C . 2.08 -14.29 -8.89
C10 IN5 C . 1.37 -13.70 -7.65
N1 IN5 C . 5.88 -19.47 -8.13
C4 IN5 C . 4.00 -17.39 -7.97
C5 IN5 C . 3.73 -18.64 -7.34
O1 IN5 C . 5.50 -15.98 -9.28
C6 IN5 C . 7.44 -18.01 -9.49
O2 IN5 C . 1.36 -18.76 -7.52
N2 IN5 C . 3.19 -15.11 -8.48
P1 IN5 C . -0.08 -18.68 -6.96
O3 IN5 C . -0.24 -17.46 -5.96
P2 IN5 C . 2.74 -12.77 -9.65
O6 IN5 C . 1.73 -11.63 -9.87
O7 IN5 C . 3.40 -13.38 -10.92
O8 IN5 C . 3.98 -12.31 -8.82
C1 IN5 D . -5.77 19.70 5.81
C2 IN5 D . -7.56 18.30 6.74
C3 IN5 D . -7.38 17.38 5.68
O4 IN5 D . -3.57 17.89 1.14
O5 IN5 D . -3.34 20.49 1.30
C7 IN5 D . -4.53 19.13 3.77
C8 IN5 D . -6.19 16.68 3.59
C9 IN5 D . -7.24 15.11 2.20
C10 IN5 D . -6.00 14.42 1.57
N1 IN5 D . -6.75 19.45 6.79
C4 IN5 D . -6.39 17.62 4.69
C5 IN5 D . -5.58 18.80 4.77
O1 IN5 D . -8.19 16.25 5.64
C6 IN5 D . -8.61 18.04 7.77
O2 IN5 D . -5.19 19.30 2.54
N2 IN5 D . -6.95 15.62 3.48
P1 IN5 D . -4.36 19.26 1.25
O3 IN5 D . -5.34 19.42 0.00
P2 IN5 D . -8.31 13.64 2.47
O6 IN5 D . -9.59 14.43 2.89
O7 IN5 D . -7.77 12.86 3.72
O8 IN5 D . -8.54 12.66 1.32
#